data_1ZFB
# 
_entry.id   1ZFB 
# 
_audit_conform.dict_name       mmcif_pdbx.dic 
_audit_conform.dict_version    5.389 
_audit_conform.dict_location   http://mmcif.pdb.org/dictionaries/ascii/mmcif_pdbx.dic 
# 
loop_
_database_2.database_id 
_database_2.database_code 
_database_2.pdbx_database_accession 
_database_2.pdbx_DOI 
PDB   1ZFB         pdb_00001zfb 10.2210/pdb1zfb/pdb 
NDB   BD0081       ?            ?                   
RCSB  RCSB032654   ?            ?                   
WWPDB D_1000032654 ?            ?                   
# 
loop_
_pdbx_audit_revision_history.ordinal 
_pdbx_audit_revision_history.data_content_type 
_pdbx_audit_revision_history.major_revision 
_pdbx_audit_revision_history.minor_revision 
_pdbx_audit_revision_history.revision_date 
1 'Structure model' 1 0 2005-05-10 
2 'Structure model' 1 1 2008-04-30 
3 'Structure model' 1 2 2011-07-13 
4 'Structure model' 1 3 2017-10-11 
5 'Structure model' 1 4 2024-02-14 
6 'Structure model' 1 5 2024-04-03 
# 
_pdbx_audit_revision_details.ordinal             1 
_pdbx_audit_revision_details.revision_ordinal    1 
_pdbx_audit_revision_details.data_content_type   'Structure model' 
_pdbx_audit_revision_details.provider            repository 
_pdbx_audit_revision_details.type                'Initial release' 
_pdbx_audit_revision_details.description         ? 
_pdbx_audit_revision_details.details             ? 
# 
loop_
_pdbx_audit_revision_group.ordinal 
_pdbx_audit_revision_group.revision_ordinal 
_pdbx_audit_revision_group.data_content_type 
_pdbx_audit_revision_group.group 
1 2 'Structure model' 'Version format compliance' 
2 3 'Structure model' 'Version format compliance' 
3 4 'Structure model' 'Refinement description'    
4 5 'Structure model' 'Data collection'           
5 5 'Structure model' 'Database references'       
6 5 'Structure model' 'Derived calculations'      
7 6 'Structure model' 'Refinement description'    
# 
loop_
_pdbx_audit_revision_category.ordinal 
_pdbx_audit_revision_category.revision_ordinal 
_pdbx_audit_revision_category.data_content_type 
_pdbx_audit_revision_category.category 
1 4 'Structure model' software                      
2 5 'Structure model' chem_comp_atom                
3 5 'Structure model' chem_comp_bond                
4 5 'Structure model' database_2                    
5 5 'Structure model' pdbx_struct_conn_angle        
6 5 'Structure model' struct_conn                   
7 5 'Structure model' struct_site                   
8 6 'Structure model' pdbx_initial_refinement_model 
# 
loop_
_pdbx_audit_revision_item.ordinal 
_pdbx_audit_revision_item.revision_ordinal 
_pdbx_audit_revision_item.data_content_type 
_pdbx_audit_revision_item.item 
1  5 'Structure model' '_database_2.pdbx_DOI'                        
2  5 'Structure model' '_database_2.pdbx_database_accession'         
3  5 'Structure model' '_pdbx_struct_conn_angle.ptnr1_auth_asym_id'  
4  5 'Structure model' '_pdbx_struct_conn_angle.ptnr1_auth_seq_id'   
5  5 'Structure model' '_pdbx_struct_conn_angle.ptnr1_label_asym_id' 
6  5 'Structure model' '_pdbx_struct_conn_angle.ptnr1_symmetry'      
7  5 'Structure model' '_pdbx_struct_conn_angle.ptnr2_auth_seq_id'   
8  5 'Structure model' '_pdbx_struct_conn_angle.ptnr2_label_asym_id' 
9  5 'Structure model' '_pdbx_struct_conn_angle.ptnr3_auth_asym_id'  
10 5 'Structure model' '_pdbx_struct_conn_angle.ptnr3_auth_seq_id'   
11 5 'Structure model' '_pdbx_struct_conn_angle.ptnr3_label_asym_id' 
12 5 'Structure model' '_pdbx_struct_conn_angle.ptnr3_symmetry'      
13 5 'Structure model' '_pdbx_struct_conn_angle.value'               
14 5 'Structure model' '_struct_conn.pdbx_dist_value'                
15 5 'Structure model' '_struct_conn.ptnr1_auth_asym_id'             
16 5 'Structure model' '_struct_conn.ptnr1_auth_comp_id'             
17 5 'Structure model' '_struct_conn.ptnr1_auth_seq_id'              
18 5 'Structure model' '_struct_conn.ptnr1_label_asym_id'            
19 5 'Structure model' '_struct_conn.ptnr1_label_atom_id'            
20 5 'Structure model' '_struct_conn.ptnr1_label_comp_id'            
21 5 'Structure model' '_struct_conn.ptnr1_symmetry'                 
22 5 'Structure model' '_struct_conn.ptnr2_auth_asym_id'             
23 5 'Structure model' '_struct_conn.ptnr2_auth_comp_id'             
24 5 'Structure model' '_struct_conn.ptnr2_auth_seq_id'              
25 5 'Structure model' '_struct_conn.ptnr2_label_asym_id'            
26 5 'Structure model' '_struct_conn.ptnr2_label_atom_id'            
27 5 'Structure model' '_struct_conn.ptnr2_label_comp_id'            
28 5 'Structure model' '_struct_conn.ptnr2_symmetry'                 
29 5 'Structure model' '_struct_site.pdbx_auth_asym_id'              
30 5 'Structure model' '_struct_site.pdbx_auth_comp_id'              
31 5 'Structure model' '_struct_site.pdbx_auth_seq_id'               
# 
_pdbx_database_status.entry_id                        1ZFB 
_pdbx_database_status.deposit_site                    RCSB 
_pdbx_database_status.process_site                    RCSB 
_pdbx_database_status.recvd_initial_deposition_date   2005-04-20 
_pdbx_database_status.status_code                     REL 
_pdbx_database_status.status_code_sf                  REL 
_pdbx_database_status.status_code_mr                  ? 
_pdbx_database_status.SG_entry                        ? 
_pdbx_database_status.pdb_format_compatible           Y 
_pdbx_database_status.status_code_cs                  ? 
_pdbx_database_status.methods_development_category    ? 
_pdbx_database_status.status_code_nmr_data            ? 
# 
loop_
_pdbx_database_related.db_name 
_pdbx_database_related.db_id 
_pdbx_database_related.details 
_pdbx_database_related.content_type 
PDB 1P4Y . unspecified 
PDB 1P4Z . unspecified 
PDB 1DCW . unspecified 
PDB 1DCV . unspecified 
PDB 1ZEW . unspecified 
PDB 1ZEX . unspecified 
PDB 1ZEY . unspecified 
PDB 1ZEZ . unspecified 
PDB 1ZF0 . unspecified 
PDB 1ZF1 . unspecified 
PDB 1ZF2 . unspecified 
PDB 1ZF3 . unspecified 
PDB 1ZF4 . unspecified 
PDB 1ZF5 . unspecified 
PDB 1ZF6 . unspecified 
PDB 1ZF7 . unspecified 
PDB 1ZF8 . unspecified 
PDB 1ZF9 . unspecified 
PDB 1ZFA . unspecified 
PDB 1ZFC . unspecified 
PDB 1ZFE . unspecified 
PDB 1ZFF . unspecified 
PDB 1ZFG . unspecified 
PDB 1ZFH . unspecified 
PDB 1ZFM . unspecified 
# 
loop_
_audit_author.name 
_audit_author.pdbx_ordinal 
'Hays, F.A.'      1 
'Teegarden, A.T.' 2 
'Jones, Z.J.R.'   3 
'Harms, M.'       4 
'Raup, D.'        5 
'Watson, J.'      6 
'Cavaliere, E.'   7 
'Ho, P.S.'        8 
# 
_citation.id                        primary 
_citation.title                     'How sequence defines structure: a crystallographic map of DNA structure and conformation.' 
_citation.journal_abbrev            Proc.Natl.Acad.Sci.Usa 
_citation.journal_volume            102 
_citation.page_first                7157 
_citation.page_last                 7162 
_citation.year                      2005 
_citation.journal_id_ASTM           PNASA6 
_citation.country                   US 
_citation.journal_id_ISSN           0027-8424 
_citation.journal_id_CSD            0040 
_citation.book_publisher            ? 
_citation.pdbx_database_id_PubMed   15870206 
_citation.pdbx_database_id_DOI      10.1073/pnas.0409455102 
# 
loop_
_citation_author.citation_id 
_citation_author.name 
_citation_author.ordinal 
_citation_author.identifier_ORCID 
primary 'Hays, F.A.'    1 ? 
primary 'Teegarden, A.' 2 ? 
primary 'Jones, Z.J.'   3 ? 
primary 'Harms, M.'     4 ? 
primary 'Raup, D.'      5 ? 
primary 'Watson, J.'    6 ? 
primary 'Cavaliere, E.' 7 ? 
primary 'Ho, P.S.'      8 ? 
# 
loop_
_entity.id 
_entity.type 
_entity.src_method 
_entity.pdbx_description 
_entity.formula_weight 
_entity.pdbx_number_of_molecules 
_entity.pdbx_ec 
_entity.pdbx_mutation 
_entity.pdbx_fragment 
_entity.details 
1 polymer     syn "5'-D(*CP*CP*GP*CP*CP*GP*GP*CP*GP*G)-3'" 3046.980 2  ? ? ? ? 
2 non-polymer syn 'CALCIUM ION'                            40.078   2  ? ? ? ? 
3 water       nat water                                    18.015   84 ? ? ? ? 
# 
_entity_poly.entity_id                      1 
_entity_poly.type                           polydeoxyribonucleotide 
_entity_poly.nstd_linkage                   no 
_entity_poly.nstd_monomer                   no 
_entity_poly.pdbx_seq_one_letter_code       '(DC)(DC)(DG)(DC)(DC)(DG)(DG)(DC)(DG)(DG)' 
_entity_poly.pdbx_seq_one_letter_code_can   CCGCCGGCGG 
_entity_poly.pdbx_strand_id                 A,B 
_entity_poly.pdbx_target_identifier         ? 
# 
loop_
_pdbx_entity_nonpoly.entity_id 
_pdbx_entity_nonpoly.name 
_pdbx_entity_nonpoly.comp_id 
2 'CALCIUM ION' CA  
3 water         HOH 
# 
loop_
_entity_poly_seq.entity_id 
_entity_poly_seq.num 
_entity_poly_seq.mon_id 
_entity_poly_seq.hetero 
1 1  DC n 
1 2  DC n 
1 3  DG n 
1 4  DC n 
1 5  DC n 
1 6  DG n 
1 7  DG n 
1 8  DC n 
1 9  DG n 
1 10 DG n 
# 
_pdbx_entity_src_syn.entity_id              1 
_pdbx_entity_src_syn.pdbx_src_id            1 
_pdbx_entity_src_syn.pdbx_alt_source_flag   sample 
_pdbx_entity_src_syn.pdbx_beg_seq_num       ? 
_pdbx_entity_src_syn.pdbx_end_seq_num       ? 
_pdbx_entity_src_syn.organism_scientific    ? 
_pdbx_entity_src_syn.organism_common_name   ? 
_pdbx_entity_src_syn.ncbi_taxonomy_id       ? 
_pdbx_entity_src_syn.details                
;DNA WAS SYNTHESIZED ON AN APPLIED BIOSYSTEMS DNA SYNTHESIZER USING PHOSPHORAMIDITE CHEMISTRY, WITH THE TRITYL-PROTECTING GROUP LEFT INTACT AT THE 5'-TERMINAL NUCLEOTIDE THEN DEPROTECTED BY TREATMENT WITH 3% ACETIC ACID FOR FIFTEEN MINUTES, NEUTRALIZED WITH AMMONIUM HYDROXIDE, AND DESALTED ON A SIGMA G-25 SEPHADEX COLUMN.
;
# 
loop_
_chem_comp.id 
_chem_comp.type 
_chem_comp.mon_nstd_flag 
_chem_comp.name 
_chem_comp.pdbx_synonyms 
_chem_comp.formula 
_chem_comp.formula_weight 
CA  non-polymer   . 'CALCIUM ION'                        ? 'Ca 2'            40.078  
DC  'DNA linking' y "2'-DEOXYCYTIDINE-5'-MONOPHOSPHATE"  ? 'C9 H14 N3 O7 P'  307.197 
DG  'DNA linking' y "2'-DEOXYGUANOSINE-5'-MONOPHOSPHATE" ? 'C10 H14 N5 O7 P' 347.221 
HOH non-polymer   . WATER                                ? 'H2 O'            18.015  
# 
loop_
_pdbx_poly_seq_scheme.asym_id 
_pdbx_poly_seq_scheme.entity_id 
_pdbx_poly_seq_scheme.seq_id 
_pdbx_poly_seq_scheme.mon_id 
_pdbx_poly_seq_scheme.ndb_seq_num 
_pdbx_poly_seq_scheme.pdb_seq_num 
_pdbx_poly_seq_scheme.auth_seq_num 
_pdbx_poly_seq_scheme.pdb_mon_id 
_pdbx_poly_seq_scheme.auth_mon_id 
_pdbx_poly_seq_scheme.pdb_strand_id 
_pdbx_poly_seq_scheme.pdb_ins_code 
_pdbx_poly_seq_scheme.hetero 
A 1 1  DC 1  1  1  DC C A . n 
A 1 2  DC 2  2  2  DC C A . n 
A 1 3  DG 3  3  3  DG G A . n 
A 1 4  DC 4  4  4  DC C A . n 
A 1 5  DC 5  5  5  DC C A . n 
A 1 6  DG 6  6  6  DG G A . n 
A 1 7  DG 7  7  7  DG G A . n 
A 1 8  DC 8  8  8  DC C A . n 
A 1 9  DG 9  9  9  DG G A . n 
A 1 10 DG 10 10 10 DG G A . n 
B 1 1  DC 1  11 11 DC C B . n 
B 1 2  DC 2  12 12 DC C B . n 
B 1 3  DG 3  13 13 DG G B . n 
B 1 4  DC 4  14 14 DC C B . n 
B 1 5  DC 5  15 15 DC C B . n 
B 1 6  DG 6  16 16 DG G B . n 
B 1 7  DG 7  17 17 DG G B . n 
B 1 8  DC 8  18 18 DC C B . n 
B 1 9  DG 9  19 19 DG G B . n 
B 1 10 DG 10 20 20 DG G B . n 
# 
loop_
_pdbx_nonpoly_scheme.asym_id 
_pdbx_nonpoly_scheme.entity_id 
_pdbx_nonpoly_scheme.mon_id 
_pdbx_nonpoly_scheme.ndb_seq_num 
_pdbx_nonpoly_scheme.pdb_seq_num 
_pdbx_nonpoly_scheme.auth_seq_num 
_pdbx_nonpoly_scheme.pdb_mon_id 
_pdbx_nonpoly_scheme.auth_mon_id 
_pdbx_nonpoly_scheme.pdb_strand_id 
_pdbx_nonpoly_scheme.pdb_ins_code 
C 2 CA  1  21  21  CA  CA  B . 
D 2 CA  1  22  22  CA  CA  B . 
E 3 HOH 1  23  23  HOH HOH A . 
E 3 HOH 2  24  24  HOH HOH A . 
E 3 HOH 3  27  27  HOH HOH A . 
E 3 HOH 4  29  29  HOH HOH A . 
E 3 HOH 5  30  30  HOH HOH A . 
E 3 HOH 6  32  32  HOH HOH A . 
E 3 HOH 7  33  33  HOH HOH A . 
E 3 HOH 8  35  35  HOH HOH A . 
E 3 HOH 9  37  37  HOH HOH A . 
E 3 HOH 10 40  40  HOH HOH A . 
E 3 HOH 11 43  43  HOH HOH A . 
E 3 HOH 12 44  44  HOH HOH A . 
E 3 HOH 13 45  45  HOH HOH A . 
E 3 HOH 14 48  48  HOH HOH A . 
E 3 HOH 15 50  50  HOH HOH A . 
E 3 HOH 16 51  51  HOH HOH A . 
E 3 HOH 17 52  52  HOH HOH A . 
E 3 HOH 18 56  56  HOH HOH A . 
E 3 HOH 19 60  60  HOH HOH A . 
E 3 HOH 20 64  64  HOH HOH A . 
E 3 HOH 21 66  66  HOH HOH A . 
E 3 HOH 22 68  68  HOH HOH A . 
E 3 HOH 23 69  69  HOH HOH A . 
E 3 HOH 24 70  70  HOH HOH A . 
E 3 HOH 25 71  71  HOH HOH A . 
E 3 HOH 26 72  72  HOH HOH A . 
E 3 HOH 27 74  74  HOH HOH A . 
E 3 HOH 28 76  76  HOH HOH A . 
E 3 HOH 29 77  77  HOH HOH A . 
E 3 HOH 30 79  79  HOH HOH A . 
E 3 HOH 31 80  80  HOH HOH A . 
E 3 HOH 32 84  84  HOH HOH A . 
E 3 HOH 33 85  85  HOH HOH A . 
E 3 HOH 34 86  86  HOH HOH A . 
E 3 HOH 35 88  88  HOH HOH A . 
E 3 HOH 36 89  89  HOH HOH A . 
E 3 HOH 37 90  90  HOH HOH A . 
E 3 HOH 38 92  92  HOH HOH A . 
E 3 HOH 39 93  93  HOH HOH A . 
E 3 HOH 40 94  94  HOH HOH A . 
E 3 HOH 41 95  95  HOH HOH A . 
E 3 HOH 42 101 101 HOH HOH A . 
E 3 HOH 43 103 103 HOH HOH A . 
E 3 HOH 44 104 104 HOH HOH A . 
E 3 HOH 45 105 105 HOH HOH A . 
F 3 HOH 1  25  25  HOH HOH B . 
F 3 HOH 2  26  26  HOH HOH B . 
F 3 HOH 3  28  28  HOH HOH B . 
F 3 HOH 4  31  31  HOH HOH B . 
F 3 HOH 5  34  34  HOH HOH B . 
F 3 HOH 6  36  36  HOH HOH B . 
F 3 HOH 7  38  38  HOH HOH B . 
F 3 HOH 8  39  39  HOH HOH B . 
F 3 HOH 9  41  41  HOH HOH B . 
F 3 HOH 10 42  42  HOH HOH B . 
F 3 HOH 11 46  46  HOH HOH B . 
F 3 HOH 12 47  47  HOH HOH B . 
F 3 HOH 13 49  49  HOH HOH B . 
F 3 HOH 14 53  53  HOH HOH B . 
F 3 HOH 15 54  54  HOH HOH B . 
F 3 HOH 16 55  55  HOH HOH B . 
F 3 HOH 17 57  57  HOH HOH B . 
F 3 HOH 18 58  58  HOH HOH B . 
F 3 HOH 19 59  59  HOH HOH B . 
F 3 HOH 20 61  61  HOH HOH B . 
F 3 HOH 21 62  62  HOH HOH B . 
F 3 HOH 22 63  63  HOH HOH B . 
F 3 HOH 23 65  65  HOH HOH B . 
F 3 HOH 24 67  67  HOH HOH B . 
F 3 HOH 25 73  73  HOH HOH B . 
F 3 HOH 26 75  75  HOH HOH B . 
F 3 HOH 27 78  78  HOH HOH B . 
F 3 HOH 28 81  81  HOH HOH B . 
F 3 HOH 29 82  82  HOH HOH B . 
F 3 HOH 30 83  83  HOH HOH B . 
F 3 HOH 31 87  87  HOH HOH B . 
F 3 HOH 32 91  91  HOH HOH B . 
F 3 HOH 33 96  96  HOH HOH B . 
F 3 HOH 34 97  97  HOH HOH B . 
F 3 HOH 35 98  98  HOH HOH B . 
F 3 HOH 36 99  99  HOH HOH B . 
F 3 HOH 37 100 100 HOH HOH B . 
F 3 HOH 38 102 102 HOH HOH B . 
F 3 HOH 39 106 106 HOH HOH B . 
# 
loop_
_software.name 
_software.version 
_software.date 
_software.type 
_software.contact_author 
_software.contact_author_email 
_software.classification 
_software.location 
_software.language 
_software.citation_id 
_software.pdbx_ordinal 
DENZO     .   ? package 'Zbyszek Otwinowski' zbyszek@mix.swmed.edu 'data reduction' 
http://www.lnls.br/infra/linhasluz/denzo-hkl.htm ?          ? 1 
SCALEPACK .   ? package 'Zbyszek Otwinowski' zbyszek@mix.swmed.edu 'data scaling'   
http://www.lnls.br/infra/linhasluz/denzo-hkl.htm ?          ? 2 
CNS       1.1 ? package 'Axel T. Brunger'    axel.brunger@yale.edu refinement       http://cns.csb.yale.edu/v1.1/ Fortran_77 ? 3 
AMoRE     .   ? ?       ?                    ?                     phasing          ? ?          ? 4 
# 
_cell.entry_id           1ZFB 
_cell.length_a           53.640 
_cell.length_b           53.640 
_cell.length_c           44.820 
_cell.angle_alpha        90.00 
_cell.angle_beta         90.00 
_cell.angle_gamma        120.00 
_cell.Z_PDB              18 
_cell.pdbx_unique_axis   ? 
# 
_symmetry.entry_id                         1ZFB 
_symmetry.space_group_name_H-M             'H 3' 
_symmetry.pdbx_full_space_group_name_H-M   ? 
_symmetry.cell_setting                     ? 
_symmetry.Int_Tables_number                146 
_symmetry.space_group_name_Hall            ? 
# 
_exptl.entry_id          1ZFB 
_exptl.method            'X-RAY DIFFRACTION' 
_exptl.crystals_number   1 
# 
_exptl_crystal.id                    1 
_exptl_crystal.density_meas          ? 
_exptl_crystal.density_Matthews      2.04 
_exptl_crystal.density_percent_sol   39.60 
_exptl_crystal.description           ? 
_exptl_crystal.F_000                 ? 
_exptl_crystal.preparation           ? 
# 
_exptl_crystal_grow.crystal_id      1 
_exptl_crystal_grow.method          ? 
_exptl_crystal_grow.temp            298 
_exptl_crystal_grow.temp_details    ? 
_exptl_crystal_grow.pH              7.00 
_exptl_crystal_grow.pdbx_details    
'Na Cacodylate, CaCl2, Spermine, MPD in resevoir, pH 7.0, VAPOR DIFFUSION, SITTING DROP, temperature 298K, pH 7.00' 
_exptl_crystal_grow.pdbx_pH_range   . 
# 
loop_
_exptl_crystal_grow_comp.crystal_id 
_exptl_crystal_grow_comp.id 
_exptl_crystal_grow_comp.sol_id 
_exptl_crystal_grow_comp.name 
_exptl_crystal_grow_comp.conc 
_exptl_crystal_grow_comp.volume 
_exptl_crystal_grow_comp.details 
1 1 1 'Na Cacodylate' ? ? ? 
1 2 1 CaCl2           ? ? ? 
1 3 1 Spermine        ? ? ? 
1 4 1 MPD             ? ? ? 
1 5 1 H2O             ? ? ? 
1 6 2 'Na Cacodylate' ? ? ? 
1 7 2 CaCl2           ? ? ? 
1 8 2 MPD             ? ? ? 
1 9 2 H2O             ? ? ? 
# 
_diffrn.id                     1 
_diffrn.ambient_temp           103.0 
_diffrn.ambient_temp_details   ? 
_diffrn.crystal_id             1 
# 
_diffrn_detector.diffrn_id              1 
_diffrn_detector.detector               'IMAGE PLATE' 
_diffrn_detector.type                   'RIGAKU RAXIS IV' 
_diffrn_detector.pdbx_collection_date   2001-11-24 
_diffrn_detector.details                ? 
# 
_diffrn_radiation.diffrn_id                        1 
_diffrn_radiation.wavelength_id                    1 
_diffrn_radiation.pdbx_monochromatic_or_laue_m_l   M 
_diffrn_radiation.monochromator                    ? 
_diffrn_radiation.pdbx_diffrn_protocol             'SINGLE WAVELENGTH' 
_diffrn_radiation.pdbx_scattering_type             x-ray 
# 
_diffrn_radiation_wavelength.id           1 
_diffrn_radiation_wavelength.wavelength   1.542 
_diffrn_radiation_wavelength.wt           1.0 
# 
_diffrn_source.diffrn_id                   1 
_diffrn_source.source                      'ROTATING ANODE' 
_diffrn_source.type                        'RIGAKU RUH3R' 
_diffrn_source.pdbx_synchrotron_site       ? 
_diffrn_source.pdbx_synchrotron_beamline   ? 
_diffrn_source.pdbx_wavelength             1.542 
_diffrn_source.pdbx_wavelength_list        ? 
# 
_reflns.entry_id                     1ZFB 
_reflns.observed_criterion_sigma_I   0.000 
_reflns.observed_criterion_sigma_F   ? 
_reflns.d_resolution_low             99.000 
_reflns.d_resolution_high            1.650 
_reflns.number_obs                   5484 
_reflns.number_all                   ? 
_reflns.percent_possible_obs         99.5 
_reflns.pdbx_Rmerge_I_obs            0.057 
_reflns.pdbx_Rsym_value              ? 
_reflns.pdbx_netI_over_sigmaI        27.0000 
_reflns.B_iso_Wilson_estimate        6.0 
_reflns.pdbx_redundancy              ? 
_reflns.R_free_details               ? 
_reflns.pdbx_chi_squared             ? 
_reflns.pdbx_scaling_rejects         ? 
_reflns.pdbx_diffrn_id               1 
_reflns.pdbx_ordinal                 1 
# 
_reflns_shell.d_res_high             1.65 
_reflns_shell.d_res_low              1.71 
_reflns_shell.percent_possible_all   96.2 
_reflns_shell.Rmerge_I_obs           0.27 
_reflns_shell.pdbx_Rsym_value        ? 
_reflns_shell.meanI_over_sigI_obs    4.800 
_reflns_shell.pdbx_redundancy        ? 
_reflns_shell.percent_possible_obs   ? 
_reflns_shell.number_unique_all      ? 
_reflns_shell.number_measured_all    ? 
_reflns_shell.number_measured_obs    ? 
_reflns_shell.number_unique_obs      ? 
_reflns_shell.pdbx_chi_squared       ? 
_reflns_shell.pdbx_diffrn_id         ? 
_reflns_shell.pdbx_ordinal           1 
# 
_refine.entry_id                                 1ZFB 
_refine.ls_number_reflns_obs                     5473 
_refine.ls_number_reflns_all                     ? 
_refine.pdbx_ls_sigma_I                          ? 
_refine.pdbx_ls_sigma_F                          0.000 
_refine.pdbx_data_cutoff_high_absF               30238.35 
_refine.pdbx_data_cutoff_low_absF                0.00 
_refine.pdbx_data_cutoff_high_rms_absF           ? 
_refine.ls_d_res_low                             16.35 
_refine.ls_d_res_high                            1.65 
_refine.ls_percent_reflns_obs                    94.4 
_refine.ls_R_factor_obs                          0.233 
_refine.ls_R_factor_all                          ? 
_refine.ls_R_factor_R_work                       0.233 
_refine.ls_R_factor_R_free                       0.283 
_refine.ls_R_factor_R_free_error                 0.012 
_refine.ls_R_factor_R_free_error_details         ? 
_refine.ls_percent_reflns_R_free                 10.700 
_refine.ls_number_reflns_R_free                  584 
_refine.ls_number_parameters                     ? 
_refine.ls_number_restraints                     ? 
_refine.occupancy_min                            ? 
_refine.occupancy_max                            ? 
_refine.correlation_coeff_Fo_to_Fc               ? 
_refine.correlation_coeff_Fo_to_Fc_free          ? 
_refine.B_iso_mean                               9.2 
_refine.aniso_B[1][1]                            -0.64900 
_refine.aniso_B[2][2]                            -0.64900 
_refine.aniso_B[3][3]                            1.29900 
_refine.aniso_B[1][2]                            -0.63200 
_refine.aniso_B[1][3]                            0.00000 
_refine.aniso_B[2][3]                            0.00000 
_refine.solvent_model_details                    'FLAT MODEL' 
_refine.solvent_model_param_ksol                 0.671 
_refine.solvent_model_param_bsol                 132.057 
_refine.pdbx_solvent_vdw_probe_radii             ? 
_refine.pdbx_solvent_ion_probe_radii             ? 
_refine.pdbx_solvent_shrinkage_radii             ? 
_refine.pdbx_ls_cross_valid_method               THROUGHOUT 
_refine.details                                  'STRUCTURE IS NOT FULLY REFINED. REFER TO CITATION ABOVE FOR DETAILS.' 
_refine.pdbx_starting_model                      'ndb entry BD0015' 
_refine.pdbx_method_to_determine_struct          'MOLECULAR REPLACEMENT' 
_refine.pdbx_isotropic_thermal_model             RESTRAINED 
_refine.pdbx_stereochemistry_target_values       'MAXIMUM LIKELIHOOD' 
_refine.pdbx_stereochem_target_val_spec_case     ? 
_refine.pdbx_R_Free_selection_details            RANDOM 
_refine.pdbx_overall_ESU_R                       ? 
_refine.pdbx_overall_ESU_R_Free                  ? 
_refine.overall_SU_ML                            ? 
_refine.overall_SU_B                             ? 
_refine.ls_redundancy_reflns_obs                 ? 
_refine.overall_SU_R_Cruickshank_DPI             ? 
_refine.overall_SU_R_free                        ? 
_refine.ls_wR_factor_R_free                      ? 
_refine.ls_wR_factor_R_work                      ? 
_refine.overall_FOM_free_R_set                   ? 
_refine.overall_FOM_work_R_set                   ? 
_refine.pdbx_refine_id                           'X-RAY DIFFRACTION' 
_refine.pdbx_diffrn_id                           1 
_refine.pdbx_TLS_residual_ADP_flag               ? 
_refine.pdbx_overall_phase_error                 ? 
_refine.pdbx_overall_SU_R_free_Cruickshank_DPI   ? 
_refine.pdbx_overall_SU_R_Blow_DPI               ? 
_refine.pdbx_overall_SU_R_free_Blow_DPI          ? 
# 
_refine_analyze.entry_id                        1ZFB 
_refine_analyze.Luzzati_coordinate_error_obs    0.22 
_refine_analyze.Luzzati_sigma_a_obs             0.11 
_refine_analyze.Luzzati_d_res_low_obs           5.00 
_refine_analyze.Luzzati_coordinate_error_free   0.28 
_refine_analyze.Luzzati_sigma_a_free            0.23 
_refine_analyze.Luzzati_d_res_low_free          ? 
_refine_analyze.number_disordered_residues      ? 
_refine_analyze.occupancy_sum_hydrogen          ? 
_refine_analyze.occupancy_sum_non_hydrogen      ? 
_refine_analyze.pdbx_refine_id                  'X-RAY DIFFRACTION' 
# 
_refine_hist.pdbx_refine_id                   'X-RAY DIFFRACTION' 
_refine_hist.cycle_id                         LAST 
_refine_hist.pdbx_number_atoms_protein        0 
_refine_hist.pdbx_number_atoms_nucleic_acid   404 
_refine_hist.pdbx_number_atoms_ligand         2 
_refine_hist.number_atoms_solvent             84 
_refine_hist.number_atoms_total               490 
_refine_hist.d_res_high                       1.65 
_refine_hist.d_res_low                        16.35 
# 
loop_
_refine_ls_restr.type 
_refine_ls_restr.dev_ideal 
_refine_ls_restr.dev_ideal_target 
_refine_ls_restr.weight 
_refine_ls_restr.number 
_refine_ls_restr.pdbx_refine_id 
_refine_ls_restr.pdbx_restraint_function 
c_bond_d                0.003 ?     ? ? 'X-RAY DIFFRACTION' ? 
c_bond_d_na             ?     ?     ? ? 'X-RAY DIFFRACTION' ? 
c_bond_d_prot           ?     ?     ? ? 'X-RAY DIFFRACTION' ? 
c_angle_d               ?     ?     ? ? 'X-RAY DIFFRACTION' ? 
c_angle_d_na            ?     ?     ? ? 'X-RAY DIFFRACTION' ? 
c_angle_d_prot          ?     ?     ? ? 'X-RAY DIFFRACTION' ? 
c_angle_deg             1.1   ?     ? ? 'X-RAY DIFFRACTION' ? 
c_angle_deg_na          ?     ?     ? ? 'X-RAY DIFFRACTION' ? 
c_angle_deg_prot        ?     ?     ? ? 'X-RAY DIFFRACTION' ? 
c_dihedral_angle_d      18.2  ?     ? ? 'X-RAY DIFFRACTION' ? 
c_dihedral_angle_d_na   ?     ?     ? ? 'X-RAY DIFFRACTION' ? 
c_dihedral_angle_d_prot ?     ?     ? ? 'X-RAY DIFFRACTION' ? 
c_improper_angle_d      1.18  ?     ? ? 'X-RAY DIFFRACTION' ? 
c_improper_angle_d_na   ?     ?     ? ? 'X-RAY DIFFRACTION' ? 
c_improper_angle_d_prot ?     ?     ? ? 'X-RAY DIFFRACTION' ? 
c_mcbond_it             0.506 ?     ? ? 'X-RAY DIFFRACTION' ? 
c_mcangle_it            0.828 0.000 ? ? 'X-RAY DIFFRACTION' ? 
c_scbond_it             ?     ?     ? ? 'X-RAY DIFFRACTION' ? 
c_scangle_it            ?     ?     ? ? 'X-RAY DIFFRACTION' ? 
# 
_refine_ls_shell.pdbx_total_number_of_bins_used   6 
_refine_ls_shell.d_res_high                       1.65 
_refine_ls_shell.d_res_low                        1.75 
_refine_ls_shell.number_reflns_R_work             639 
_refine_ls_shell.R_factor_R_work                  0.256 
_refine_ls_shell.percent_reflns_obs               74.7 
_refine_ls_shell.R_factor_R_free                  0.312 
_refine_ls_shell.R_factor_R_free_error            0.035 
_refine_ls_shell.percent_reflns_R_free            11.1 
_refine_ls_shell.number_reflns_R_free             80 
_refine_ls_shell.redundancy_reflns_obs            ? 
_refine_ls_shell.pdbx_refine_id                   'X-RAY DIFFRACTION' 
_refine_ls_shell.number_reflns_all                ? 
_refine_ls_shell.R_factor_all                     ? 
# 
loop_
_pdbx_xplor_file.serial_no 
_pdbx_xplor_file.param_file 
_pdbx_xplor_file.topol_file 
_pdbx_xplor_file.pdbx_refine_id 
1 CNS_TOPPAR:DNA-RNA_REP.PARAM CNS_TOPPAR:DNA-RNA.TOP  'X-RAY DIFFRACTION' 
2 CNS_TOPPAR:WATER_REP.PARAM   CNS_TOPPAR:DNA-RNA.LINK 'X-RAY DIFFRACTION' 
3 CNS_TOPPAR:ION.PARAM         CNS_TOPPAR:WATER.TOP    'X-RAY DIFFRACTION' 
4 ?                            CNS_TOPPAR:ION.TOP      'X-RAY DIFFRACTION' 
# 
_struct.entry_id                  1ZFB 
_struct.title                     'GGC Duplex B-DNA' 
_struct.pdbx_model_details        ? 
_struct.pdbx_CASP_flag            ? 
_struct.pdbx_model_type_details   ? 
# 
_struct_keywords.text            'Crystallographic Screen, DNA Structure, Holliday Junction, Molecular Structure, DNA' 
_struct_keywords.entry_id        1ZFB 
_struct_keywords.pdbx_keywords   DNA 
# 
loop_
_struct_asym.id 
_struct_asym.pdbx_blank_PDB_chainid_flag 
_struct_asym.pdbx_modified 
_struct_asym.entity_id 
_struct_asym.details 
A N N 1 ? 
B N N 1 ? 
C N N 2 ? 
D N N 2 ? 
E N N 3 ? 
F N N 3 ? 
# 
_struct_ref.id                         1 
_struct_ref.entity_id                  1 
_struct_ref.db_name                    PDB 
_struct_ref.db_code                    1ZFB 
_struct_ref.pdbx_db_accession          1ZFB 
_struct_ref.pdbx_db_isoform            ? 
_struct_ref.pdbx_seq_one_letter_code   ? 
_struct_ref.pdbx_align_begin           ? 
# 
loop_
_struct_ref_seq.align_id 
_struct_ref_seq.ref_id 
_struct_ref_seq.pdbx_PDB_id_code 
_struct_ref_seq.pdbx_strand_id 
_struct_ref_seq.seq_align_beg 
_struct_ref_seq.pdbx_seq_align_beg_ins_code 
_struct_ref_seq.seq_align_end 
_struct_ref_seq.pdbx_seq_align_end_ins_code 
_struct_ref_seq.pdbx_db_accession 
_struct_ref_seq.db_align_beg 
_struct_ref_seq.pdbx_db_align_beg_ins_code 
_struct_ref_seq.db_align_end 
_struct_ref_seq.pdbx_db_align_end_ins_code 
_struct_ref_seq.pdbx_auth_seq_align_beg 
_struct_ref_seq.pdbx_auth_seq_align_end 
1 1 1ZFB A 1 ? 10 ? 1ZFB 1  ? 10 ? 1  10 
2 1 1ZFB B 1 ? 10 ? 1ZFB 11 ? 20 ? 11 20 
# 
_pdbx_struct_assembly.id                   1 
_pdbx_struct_assembly.details              author_defined_assembly 
_pdbx_struct_assembly.method_details       ? 
_pdbx_struct_assembly.oligomeric_details   dimeric 
_pdbx_struct_assembly.oligomeric_count     2 
# 
_pdbx_struct_assembly_gen.assembly_id       1 
_pdbx_struct_assembly_gen.oper_expression   1 
_pdbx_struct_assembly_gen.asym_id_list      A,B,C,D,E,F 
# 
_pdbx_struct_oper_list.id                   1 
_pdbx_struct_oper_list.type                 'identity operation' 
_pdbx_struct_oper_list.name                 1_555 
_pdbx_struct_oper_list.symmetry_operation   x,y,z 
_pdbx_struct_oper_list.matrix[1][1]         1.0000000000 
_pdbx_struct_oper_list.matrix[1][2]         0.0000000000 
_pdbx_struct_oper_list.matrix[1][3]         0.0000000000 
_pdbx_struct_oper_list.vector[1]            0.0000000000 
_pdbx_struct_oper_list.matrix[2][1]         0.0000000000 
_pdbx_struct_oper_list.matrix[2][2]         1.0000000000 
_pdbx_struct_oper_list.matrix[2][3]         0.0000000000 
_pdbx_struct_oper_list.vector[2]            0.0000000000 
_pdbx_struct_oper_list.matrix[3][1]         0.0000000000 
_pdbx_struct_oper_list.matrix[3][2]         0.0000000000 
_pdbx_struct_oper_list.matrix[3][3]         1.0000000000 
_pdbx_struct_oper_list.vector[3]            0.0000000000 
# 
_struct_biol.id                    1 
_struct_biol.pdbx_parent_biol_id   ? 
_struct_biol.details               ? 
# 
loop_
_struct_conn.id 
_struct_conn.conn_type_id 
_struct_conn.pdbx_leaving_atom_flag 
_struct_conn.pdbx_PDB_id 
_struct_conn.ptnr1_label_asym_id 
_struct_conn.ptnr1_label_comp_id 
_struct_conn.ptnr1_label_seq_id 
_struct_conn.ptnr1_label_atom_id 
_struct_conn.pdbx_ptnr1_label_alt_id 
_struct_conn.pdbx_ptnr1_PDB_ins_code 
_struct_conn.pdbx_ptnr1_standard_comp_id 
_struct_conn.ptnr1_symmetry 
_struct_conn.ptnr2_label_asym_id 
_struct_conn.ptnr2_label_comp_id 
_struct_conn.ptnr2_label_seq_id 
_struct_conn.ptnr2_label_atom_id 
_struct_conn.pdbx_ptnr2_label_alt_id 
_struct_conn.pdbx_ptnr2_PDB_ins_code 
_struct_conn.ptnr1_auth_asym_id 
_struct_conn.ptnr1_auth_comp_id 
_struct_conn.ptnr1_auth_seq_id 
_struct_conn.ptnr2_auth_asym_id 
_struct_conn.ptnr2_auth_comp_id 
_struct_conn.ptnr2_auth_seq_id 
_struct_conn.ptnr2_symmetry 
_struct_conn.pdbx_ptnr3_label_atom_id 
_struct_conn.pdbx_ptnr3_label_seq_id 
_struct_conn.pdbx_ptnr3_label_comp_id 
_struct_conn.pdbx_ptnr3_label_asym_id 
_struct_conn.pdbx_ptnr3_label_alt_id 
_struct_conn.pdbx_ptnr3_PDB_ins_code 
_struct_conn.details 
_struct_conn.pdbx_dist_value 
_struct_conn.pdbx_value_order 
_struct_conn.pdbx_role 
metalc1  metalc ? ? E HOH .  O  ? ? ? 1_555 D CA  .  CA ? ? A HOH 27 B CA  22 1_555 ? ? ? ? ? ? ?            2.515 ? ? 
metalc2  metalc ? ? E HOH .  O  ? ? ? 3_565 C CA  .  CA ? ? A HOH 30 B CA  21 1_555 ? ? ? ? ? ? ?            2.668 ? ? 
metalc3  metalc ? ? E HOH .  O  ? ? ? 1_555 C CA  .  CA ? ? A HOH 35 B CA  21 1_555 ? ? ? ? ? ? ?            2.236 ? ? 
metalc4  metalc ? ? E HOH .  O  ? ? ? 1_555 D CA  .  CA ? ? A HOH 45 B CA  22 1_555 ? ? ? ? ? ? ?            2.464 ? ? 
metalc5  metalc ? ? E HOH .  O  ? ? ? 1_555 D CA  .  CA ? ? A HOH 74 B CA  22 1_555 ? ? ? ? ? ? ?            2.915 ? ? 
metalc6  metalc ? ? E HOH .  O  ? ? ? 1_555 D CA  .  CA ? ? A HOH 80 B CA  22 1_555 ? ? ? ? ? ? ?            2.397 ? ? 
metalc7  metalc ? ? C CA  .  CA ? ? ? 1_555 F HOH .  O  ? ? B CA  21 B HOH 31 1_555 ? ? ? ? ? ? ?            2.705 ? ? 
metalc8  metalc ? ? C CA  .  CA ? ? ? 1_555 F HOH .  O  ? ? B CA  21 B HOH 38 1_555 ? ? ? ? ? ? ?            2.115 ? ? 
metalc9  metalc ? ? C CA  .  CA ? ? ? 1_555 F HOH .  O  ? ? B CA  21 B HOH 39 1_555 ? ? ? ? ? ? ?            1.952 ? ? 
metalc10 metalc ? ? C CA  .  CA ? ? ? 1_555 F HOH .  O  ? ? B CA  21 B HOH 96 1_555 ? ? ? ? ? ? ?            2.811 ? ? 
metalc11 metalc ? ? D CA  .  CA ? ? ? 1_555 F HOH .  O  ? ? B CA  22 B HOH 81 6_455 ? ? ? ? ? ? ?            3.248 ? ? 
metalc12 metalc ? ? D CA  .  CA ? ? ? 1_555 F HOH .  O  ? ? B CA  22 B HOH 91 8_554 ? ? ? ? ? ? ?            3.071 ? ? 
metalc13 metalc ? ? D CA  .  CA ? ? ? 1_555 F HOH .  O  ? ? B CA  22 B HOH 99 1_555 ? ? ? ? ? ? ?            3.117 ? ? 
hydrog1  hydrog ? ? A DC  1  N3 ? ? ? 1_555 B DG  10 N1 ? ? A DC  1  B DG  20 1_555 ? ? ? ? ? ? WATSON-CRICK ?     ? ? 
hydrog2  hydrog ? ? A DC  1  N4 ? ? ? 1_555 B DG  10 O6 ? ? A DC  1  B DG  20 1_555 ? ? ? ? ? ? WATSON-CRICK ?     ? ? 
hydrog3  hydrog ? ? A DC  1  O2 ? ? ? 1_555 B DG  10 N2 ? ? A DC  1  B DG  20 1_555 ? ? ? ? ? ? WATSON-CRICK ?     ? ? 
hydrog4  hydrog ? ? A DC  2  N3 ? ? ? 1_555 B DG  9  N1 ? ? A DC  2  B DG  19 1_555 ? ? ? ? ? ? WATSON-CRICK ?     ? ? 
hydrog5  hydrog ? ? A DC  2  N4 ? ? ? 1_555 B DG  9  O6 ? ? A DC  2  B DG  19 1_555 ? ? ? ? ? ? WATSON-CRICK ?     ? ? 
hydrog6  hydrog ? ? A DC  2  O2 ? ? ? 1_555 B DG  9  N2 ? ? A DC  2  B DG  19 1_555 ? ? ? ? ? ? WATSON-CRICK ?     ? ? 
hydrog7  hydrog ? ? A DG  3  N1 ? ? ? 1_555 B DC  8  N3 ? ? A DG  3  B DC  18 1_555 ? ? ? ? ? ? WATSON-CRICK ?     ? ? 
hydrog8  hydrog ? ? A DG  3  N2 ? ? ? 1_555 B DC  8  O2 ? ? A DG  3  B DC  18 1_555 ? ? ? ? ? ? WATSON-CRICK ?     ? ? 
hydrog9  hydrog ? ? A DG  3  O6 ? ? ? 1_555 B DC  8  N4 ? ? A DG  3  B DC  18 1_555 ? ? ? ? ? ? WATSON-CRICK ?     ? ? 
hydrog10 hydrog ? ? A DC  4  N3 ? ? ? 1_555 B DG  7  N1 ? ? A DC  4  B DG  17 1_555 ? ? ? ? ? ? WATSON-CRICK ?     ? ? 
hydrog11 hydrog ? ? A DC  4  N4 ? ? ? 1_555 B DG  7  O6 ? ? A DC  4  B DG  17 1_555 ? ? ? ? ? ? WATSON-CRICK ?     ? ? 
hydrog12 hydrog ? ? A DC  4  O2 ? ? ? 1_555 B DG  7  N2 ? ? A DC  4  B DG  17 1_555 ? ? ? ? ? ? WATSON-CRICK ?     ? ? 
hydrog13 hydrog ? ? A DC  5  N3 ? ? ? 1_555 B DG  6  N1 ? ? A DC  5  B DG  16 1_555 ? ? ? ? ? ? WATSON-CRICK ?     ? ? 
hydrog14 hydrog ? ? A DC  5  N4 ? ? ? 1_555 B DG  6  O6 ? ? A DC  5  B DG  16 1_555 ? ? ? ? ? ? WATSON-CRICK ?     ? ? 
hydrog15 hydrog ? ? A DC  5  O2 ? ? ? 1_555 B DG  6  N2 ? ? A DC  5  B DG  16 1_555 ? ? ? ? ? ? WATSON-CRICK ?     ? ? 
hydrog16 hydrog ? ? A DG  6  N1 ? ? ? 1_555 B DC  5  N3 ? ? A DG  6  B DC  15 1_555 ? ? ? ? ? ? WATSON-CRICK ?     ? ? 
hydrog17 hydrog ? ? A DG  6  N2 ? ? ? 1_555 B DC  5  O2 ? ? A DG  6  B DC  15 1_555 ? ? ? ? ? ? WATSON-CRICK ?     ? ? 
hydrog18 hydrog ? ? A DG  6  O6 ? ? ? 1_555 B DC  5  N4 ? ? A DG  6  B DC  15 1_555 ? ? ? ? ? ? WATSON-CRICK ?     ? ? 
hydrog19 hydrog ? ? A DG  7  N1 ? ? ? 1_555 B DC  4  N3 ? ? A DG  7  B DC  14 1_555 ? ? ? ? ? ? WATSON-CRICK ?     ? ? 
hydrog20 hydrog ? ? A DG  7  N2 ? ? ? 1_555 B DC  4  O2 ? ? A DG  7  B DC  14 1_555 ? ? ? ? ? ? WATSON-CRICK ?     ? ? 
hydrog21 hydrog ? ? A DG  7  O6 ? ? ? 1_555 B DC  4  N4 ? ? A DG  7  B DC  14 1_555 ? ? ? ? ? ? WATSON-CRICK ?     ? ? 
hydrog22 hydrog ? ? A DC  8  N3 ? ? ? 1_555 B DG  3  N1 ? ? A DC  8  B DG  13 1_555 ? ? ? ? ? ? WATSON-CRICK ?     ? ? 
hydrog23 hydrog ? ? A DC  8  N4 ? ? ? 1_555 B DG  3  O6 ? ? A DC  8  B DG  13 1_555 ? ? ? ? ? ? WATSON-CRICK ?     ? ? 
hydrog24 hydrog ? ? A DC  8  O2 ? ? ? 1_555 B DG  3  N2 ? ? A DC  8  B DG  13 1_555 ? ? ? ? ? ? WATSON-CRICK ?     ? ? 
hydrog25 hydrog ? ? A DG  9  N1 ? ? ? 1_555 B DC  2  N3 ? ? A DG  9  B DC  12 1_555 ? ? ? ? ? ? WATSON-CRICK ?     ? ? 
hydrog26 hydrog ? ? A DG  9  N2 ? ? ? 1_555 B DC  2  O2 ? ? A DG  9  B DC  12 1_555 ? ? ? ? ? ? WATSON-CRICK ?     ? ? 
hydrog27 hydrog ? ? A DG  9  O6 ? ? ? 1_555 B DC  2  N4 ? ? A DG  9  B DC  12 1_555 ? ? ? ? ? ? WATSON-CRICK ?     ? ? 
hydrog28 hydrog ? ? A DG  10 N1 ? ? ? 1_555 B DC  1  N3 ? ? A DG  10 B DC  11 1_555 ? ? ? ? ? ? WATSON-CRICK ?     ? ? 
hydrog29 hydrog ? ? A DG  10 N2 ? ? ? 1_555 B DC  1  O2 ? ? A DG  10 B DC  11 1_555 ? ? ? ? ? ? WATSON-CRICK ?     ? ? 
hydrog30 hydrog ? ? A DG  10 O6 ? ? ? 1_555 B DC  1  N4 ? ? A DG  10 B DC  11 1_555 ? ? ? ? ? ? WATSON-CRICK ?     ? ? 
# 
loop_
_struct_conn_type.id 
_struct_conn_type.criteria 
_struct_conn_type.reference 
metalc ? ? 
hydrog ? ? 
# 
loop_
_pdbx_struct_conn_angle.id 
_pdbx_struct_conn_angle.ptnr1_label_atom_id 
_pdbx_struct_conn_angle.ptnr1_label_alt_id 
_pdbx_struct_conn_angle.ptnr1_label_asym_id 
_pdbx_struct_conn_angle.ptnr1_label_comp_id 
_pdbx_struct_conn_angle.ptnr1_label_seq_id 
_pdbx_struct_conn_angle.ptnr1_auth_atom_id 
_pdbx_struct_conn_angle.ptnr1_auth_asym_id 
_pdbx_struct_conn_angle.ptnr1_auth_comp_id 
_pdbx_struct_conn_angle.ptnr1_auth_seq_id 
_pdbx_struct_conn_angle.ptnr1_PDB_ins_code 
_pdbx_struct_conn_angle.ptnr1_symmetry 
_pdbx_struct_conn_angle.ptnr2_label_atom_id 
_pdbx_struct_conn_angle.ptnr2_label_alt_id 
_pdbx_struct_conn_angle.ptnr2_label_asym_id 
_pdbx_struct_conn_angle.ptnr2_label_comp_id 
_pdbx_struct_conn_angle.ptnr2_label_seq_id 
_pdbx_struct_conn_angle.ptnr2_auth_atom_id 
_pdbx_struct_conn_angle.ptnr2_auth_asym_id 
_pdbx_struct_conn_angle.ptnr2_auth_comp_id 
_pdbx_struct_conn_angle.ptnr2_auth_seq_id 
_pdbx_struct_conn_angle.ptnr2_PDB_ins_code 
_pdbx_struct_conn_angle.ptnr2_symmetry 
_pdbx_struct_conn_angle.ptnr3_label_atom_id 
_pdbx_struct_conn_angle.ptnr3_label_alt_id 
_pdbx_struct_conn_angle.ptnr3_label_asym_id 
_pdbx_struct_conn_angle.ptnr3_label_comp_id 
_pdbx_struct_conn_angle.ptnr3_label_seq_id 
_pdbx_struct_conn_angle.ptnr3_auth_atom_id 
_pdbx_struct_conn_angle.ptnr3_auth_asym_id 
_pdbx_struct_conn_angle.ptnr3_auth_comp_id 
_pdbx_struct_conn_angle.ptnr3_auth_seq_id 
_pdbx_struct_conn_angle.ptnr3_PDB_ins_code 
_pdbx_struct_conn_angle.ptnr3_symmetry 
_pdbx_struct_conn_angle.value 
_pdbx_struct_conn_angle.value_esd 
1  O ? E HOH . ? A HOH 27 ? 1_555 CA ? D CA . ? B CA 22 ? 1_555 O ? E HOH . ? A HOH 45 ? 1_555 73.2  ? 
2  O ? E HOH . ? A HOH 27 ? 1_555 CA ? D CA . ? B CA 22 ? 1_555 O ? E HOH . ? A HOH 74 ? 1_555 115.0 ? 
3  O ? E HOH . ? A HOH 45 ? 1_555 CA ? D CA . ? B CA 22 ? 1_555 O ? E HOH . ? A HOH 74 ? 1_555 63.9  ? 
4  O ? E HOH . ? A HOH 27 ? 1_555 CA ? D CA . ? B CA 22 ? 1_555 O ? E HOH . ? A HOH 80 ? 1_555 83.1  ? 
5  O ? E HOH . ? A HOH 45 ? 1_555 CA ? D CA . ? B CA 22 ? 1_555 O ? E HOH . ? A HOH 80 ? 1_555 89.8  ? 
6  O ? E HOH . ? A HOH 74 ? 1_555 CA ? D CA . ? B CA 22 ? 1_555 O ? E HOH . ? A HOH 80 ? 1_555 52.1  ? 
7  O ? E HOH . ? A HOH 27 ? 1_555 CA ? D CA . ? B CA 22 ? 1_555 O ? F HOH . ? B HOH 81 ? 6_455 77.3  ? 
8  O ? E HOH . ? A HOH 45 ? 1_555 CA ? D CA . ? B CA 22 ? 1_555 O ? F HOH . ? B HOH 81 ? 6_455 58.2  ? 
9  O ? E HOH . ? A HOH 74 ? 1_555 CA ? D CA . ? B CA 22 ? 1_555 O ? F HOH . ? B HOH 81 ? 6_455 113.1 ? 
10 O ? E HOH . ? A HOH 80 ? 1_555 CA ? D CA . ? B CA 22 ? 1_555 O ? F HOH . ? B HOH 81 ? 6_455 146.1 ? 
11 O ? E HOH . ? A HOH 27 ? 1_555 CA ? D CA . ? B CA 22 ? 1_555 O ? F HOH . ? B HOH 91 ? 8_554 163.3 ? 
12 O ? E HOH . ? A HOH 45 ? 1_555 CA ? D CA . ? B CA 22 ? 1_555 O ? F HOH . ? B HOH 91 ? 8_554 113.4 ? 
13 O ? E HOH . ? A HOH 74 ? 1_555 CA ? D CA . ? B CA 22 ? 1_555 O ? F HOH . ? B HOH 91 ? 8_554 59.4  ? 
14 O ? E HOH . ? A HOH 80 ? 1_555 CA ? D CA . ? B CA 22 ? 1_555 O ? F HOH . ? B HOH 91 ? 8_554 81.6  ? 
15 O ? F HOH . ? B HOH 81 ? 6_455 CA ? D CA . ? B CA 22 ? 1_555 O ? F HOH . ? B HOH 91 ? 8_554 119.4 ? 
16 O ? E HOH . ? A HOH 27 ? 1_555 CA ? D CA . ? B CA 22 ? 1_555 O ? F HOH . ? B HOH 99 ? 1_555 84.1  ? 
17 O ? E HOH . ? A HOH 45 ? 1_555 CA ? D CA . ? B CA 22 ? 1_555 O ? F HOH . ? B HOH 99 ? 1_555 153.3 ? 
18 O ? E HOH . ? A HOH 74 ? 1_555 CA ? D CA . ? B CA 22 ? 1_555 O ? F HOH . ? B HOH 99 ? 1_555 141.2 ? 
19 O ? E HOH . ? A HOH 80 ? 1_555 CA ? D CA . ? B CA 22 ? 1_555 O ? F HOH . ? B HOH 99 ? 1_555 101.6 ? 
20 O ? F HOH . ? B HOH 81 ? 6_455 CA ? D CA . ? B CA 22 ? 1_555 O ? F HOH . ? B HOH 99 ? 1_555 103.6 ? 
21 O ? F HOH . ? B HOH 91 ? 8_554 CA ? D CA . ? B CA 22 ? 1_555 O ? F HOH . ? B HOH 99 ? 1_555 92.3  ? 
22 O ? E HOH . ? A HOH 30 ? 3_565 CA ? C CA . ? B CA 21 ? 1_555 O ? E HOH . ? A HOH 35 ? 1_555 67.9  ? 
23 O ? E HOH . ? A HOH 30 ? 3_565 CA ? C CA . ? B CA 21 ? 1_555 O ? F HOH . ? B HOH 31 ? 1_555 161.5 ? 
24 O ? E HOH . ? A HOH 35 ? 1_555 CA ? C CA . ? B CA 21 ? 1_555 O ? F HOH . ? B HOH 31 ? 1_555 129.7 ? 
25 O ? E HOH . ? A HOH 30 ? 3_565 CA ? C CA . ? B CA 21 ? 1_555 O ? F HOH . ? B HOH 38 ? 1_555 133.9 ? 
26 O ? E HOH . ? A HOH 35 ? 1_555 CA ? C CA . ? B CA 21 ? 1_555 O ? F HOH . ? B HOH 38 ? 1_555 78.9  ? 
27 O ? F HOH . ? B HOH 31 ? 1_555 CA ? C CA . ? B CA 21 ? 1_555 O ? F HOH . ? B HOH 38 ? 1_555 62.5  ? 
28 O ? E HOH . ? A HOH 30 ? 3_565 CA ? C CA . ? B CA 21 ? 1_555 O ? F HOH . ? B HOH 39 ? 1_555 79.3  ? 
29 O ? E HOH . ? A HOH 35 ? 1_555 CA ? C CA . ? B CA 21 ? 1_555 O ? F HOH . ? B HOH 39 ? 1_555 118.7 ? 
30 O ? F HOH . ? B HOH 31 ? 1_555 CA ? C CA . ? B CA 21 ? 1_555 O ? F HOH . ? B HOH 39 ? 1_555 93.8  ? 
31 O ? F HOH . ? B HOH 38 ? 1_555 CA ? C CA . ? B CA 21 ? 1_555 O ? F HOH . ? B HOH 39 ? 1_555 90.2  ? 
32 O ? E HOH . ? A HOH 30 ? 3_565 CA ? C CA . ? B CA 21 ? 1_555 O ? F HOH . ? B HOH 96 ? 1_555 58.4  ? 
33 O ? E HOH . ? A HOH 35 ? 1_555 CA ? C CA . ? B CA 21 ? 1_555 O ? F HOH . ? B HOH 96 ? 1_555 61.9  ? 
34 O ? F HOH . ? B HOH 31 ? 1_555 CA ? C CA . ? B CA 21 ? 1_555 O ? F HOH . ? B HOH 96 ? 1_555 131.2 ? 
35 O ? F HOH . ? B HOH 38 ? 1_555 CA ? C CA . ? B CA 21 ? 1_555 O ? F HOH . ? B HOH 96 ? 1_555 78.2  ? 
36 O ? F HOH . ? B HOH 39 ? 1_555 CA ? C CA . ? B CA 21 ? 1_555 O ? F HOH . ? B HOH 96 ? 1_555 56.8  ? 
# 
loop_
_struct_site.id 
_struct_site.pdbx_evidence_code 
_struct_site.pdbx_auth_asym_id 
_struct_site.pdbx_auth_comp_id 
_struct_site.pdbx_auth_seq_id 
_struct_site.pdbx_auth_ins_code 
_struct_site.pdbx_num_residues 
_struct_site.details 
AC1 Software B CA 21 ? 6 'BINDING SITE FOR RESIDUE CA B 21' 
AC2 Software B CA 22 ? 5 'BINDING SITE FOR RESIDUE CA B 22' 
# 
loop_
_struct_site_gen.id 
_struct_site_gen.site_id 
_struct_site_gen.pdbx_num_res 
_struct_site_gen.label_comp_id 
_struct_site_gen.label_asym_id 
_struct_site_gen.label_seq_id 
_struct_site_gen.pdbx_auth_ins_code 
_struct_site_gen.auth_comp_id 
_struct_site_gen.auth_asym_id 
_struct_site_gen.auth_seq_id 
_struct_site_gen.label_atom_id 
_struct_site_gen.label_alt_id 
_struct_site_gen.symmetry 
_struct_site_gen.details 
1  AC1 6 HOH E . ? HOH A 30 . ? 3_565 ? 
2  AC1 6 HOH E . ? HOH A 35 . ? 1_555 ? 
3  AC1 6 HOH F . ? HOH B 31 . ? 1_555 ? 
4  AC1 6 HOH F . ? HOH B 38 . ? 1_555 ? 
5  AC1 6 HOH F . ? HOH B 39 . ? 1_555 ? 
6  AC1 6 HOH F . ? HOH B 96 . ? 1_555 ? 
7  AC2 5 HOH E . ? HOH A 27 . ? 1_555 ? 
8  AC2 5 HOH E . ? HOH A 45 . ? 1_555 ? 
9  AC2 5 HOH E . ? HOH A 74 . ? 1_555 ? 
10 AC2 5 HOH E . ? HOH A 80 . ? 1_555 ? 
11 AC2 5 HOH F . ? HOH B 91 . ? 8_554 ? 
# 
loop_
_pdbx_validate_close_contact.id 
_pdbx_validate_close_contact.PDB_model_num 
_pdbx_validate_close_contact.auth_atom_id_1 
_pdbx_validate_close_contact.auth_asym_id_1 
_pdbx_validate_close_contact.auth_comp_id_1 
_pdbx_validate_close_contact.auth_seq_id_1 
_pdbx_validate_close_contact.PDB_ins_code_1 
_pdbx_validate_close_contact.label_alt_id_1 
_pdbx_validate_close_contact.auth_atom_id_2 
_pdbx_validate_close_contact.auth_asym_id_2 
_pdbx_validate_close_contact.auth_comp_id_2 
_pdbx_validate_close_contact.auth_seq_id_2 
_pdbx_validate_close_contact.PDB_ins_code_2 
_pdbx_validate_close_contact.label_alt_id_2 
_pdbx_validate_close_contact.dist 
1  1 N2    B DG  20 ? ? O B HOH 82 ? ? 1.87 
2  1 N4    B DC  14 ? ? O B HOH 67 ? ? 1.90 
3  1 O2    A DC  5  ? ? O A HOH 50 ? ? 1.94 
4  1 N1    A DG  10 ? ? O A HOH 85 ? ? 1.97 
5  1 OP1   B DG  16 ? ? O B HOH 65 ? ? 1.98 
6  1 "O5'" B DG  13 ? ? O B HOH 83 ? ? 2.01 
7  1 O6    A DG  7  ? ? O B HOH 67 ? ? 2.04 
8  1 O     A HOH 66 ? ? O A HOH 94 ? ? 2.06 
9  1 N1    A DG  7  ? ? O A HOH 33 ? ? 2.07 
10 1 C6    A DG  10 ? ? O A HOH 85 ? ? 2.13 
11 1 N2    B DG  19 ? ? O B HOH 82 ? ? 2.14 
12 1 "C3'" B DG  13 ? ? O B HOH 81 ? ? 2.14 
13 1 OP1   B DG  19 ? ? O B HOH 42 ? ? 2.15 
14 1 N3    A DC  5  ? ? O A HOH 52 ? ? 2.15 
15 1 O2    A DC  2  ? ? O B HOH 82 ? ? 2.19 
16 1 OP1   A DC  5  ? ? O A HOH 90 ? ? 2.19 
17 1 O2    A DC  8  ? ? O A HOH 60 ? ? 2.19 
# 
_pdbx_validate_symm_contact.id                1 
_pdbx_validate_symm_contact.PDB_model_num     1 
_pdbx_validate_symm_contact.auth_atom_id_1    N3 
_pdbx_validate_symm_contact.auth_asym_id_1    A 
_pdbx_validate_symm_contact.auth_comp_id_1    DC 
_pdbx_validate_symm_contact.auth_seq_id_1     1 
_pdbx_validate_symm_contact.PDB_ins_code_1    ? 
_pdbx_validate_symm_contact.label_alt_id_1    ? 
_pdbx_validate_symm_contact.site_symmetry_1   1_555 
_pdbx_validate_symm_contact.auth_atom_id_2    O 
_pdbx_validate_symm_contact.auth_asym_id_2    A 
_pdbx_validate_symm_contact.auth_comp_id_2    HOH 
_pdbx_validate_symm_contact.auth_seq_id_2     85 
_pdbx_validate_symm_contact.PDB_ins_code_2    ? 
_pdbx_validate_symm_contact.label_alt_id_2    ? 
_pdbx_validate_symm_contact.site_symmetry_2   4_455 
_pdbx_validate_symm_contact.dist              2.14 
# 
loop_
_pdbx_struct_special_symmetry.id 
_pdbx_struct_special_symmetry.PDB_model_num 
_pdbx_struct_special_symmetry.auth_asym_id 
_pdbx_struct_special_symmetry.auth_comp_id 
_pdbx_struct_special_symmetry.auth_seq_id 
_pdbx_struct_special_symmetry.PDB_ins_code 
_pdbx_struct_special_symmetry.label_asym_id 
_pdbx_struct_special_symmetry.label_comp_id 
_pdbx_struct_special_symmetry.label_seq_id 
1 1 A HOH 64 ? E HOH . 
2 1 A HOH 79 ? E HOH . 
3 1 A HOH 88 ? E HOH . 
4 1 A HOH 89 ? E HOH . 
5 1 B HOH 62 ? F HOH . 
6 1 B HOH 63 ? F HOH . 
# 
loop_
_chem_comp_atom.comp_id 
_chem_comp_atom.atom_id 
_chem_comp_atom.type_symbol 
_chem_comp_atom.pdbx_aromatic_flag 
_chem_comp_atom.pdbx_stereo_config 
_chem_comp_atom.pdbx_ordinal 
CA  CA     CA N N 1  
DC  OP3    O  N N 2  
DC  P      P  N N 3  
DC  OP1    O  N N 4  
DC  OP2    O  N N 5  
DC  "O5'"  O  N N 6  
DC  "C5'"  C  N N 7  
DC  "C4'"  C  N R 8  
DC  "O4'"  O  N N 9  
DC  "C3'"  C  N S 10 
DC  "O3'"  O  N N 11 
DC  "C2'"  C  N N 12 
DC  "C1'"  C  N R 13 
DC  N1     N  N N 14 
DC  C2     C  N N 15 
DC  O2     O  N N 16 
DC  N3     N  N N 17 
DC  C4     C  N N 18 
DC  N4     N  N N 19 
DC  C5     C  N N 20 
DC  C6     C  N N 21 
DC  HOP3   H  N N 22 
DC  HOP2   H  N N 23 
DC  "H5'"  H  N N 24 
DC  "H5''" H  N N 25 
DC  "H4'"  H  N N 26 
DC  "H3'"  H  N N 27 
DC  "HO3'" H  N N 28 
DC  "H2'"  H  N N 29 
DC  "H2''" H  N N 30 
DC  "H1'"  H  N N 31 
DC  H41    H  N N 32 
DC  H42    H  N N 33 
DC  H5     H  N N 34 
DC  H6     H  N N 35 
DG  OP3    O  N N 36 
DG  P      P  N N 37 
DG  OP1    O  N N 38 
DG  OP2    O  N N 39 
DG  "O5'"  O  N N 40 
DG  "C5'"  C  N N 41 
DG  "C4'"  C  N R 42 
DG  "O4'"  O  N N 43 
DG  "C3'"  C  N S 44 
DG  "O3'"  O  N N 45 
DG  "C2'"  C  N N 46 
DG  "C1'"  C  N R 47 
DG  N9     N  Y N 48 
DG  C8     C  Y N 49 
DG  N7     N  Y N 50 
DG  C5     C  Y N 51 
DG  C6     C  N N 52 
DG  O6     O  N N 53 
DG  N1     N  N N 54 
DG  C2     C  N N 55 
DG  N2     N  N N 56 
DG  N3     N  N N 57 
DG  C4     C  Y N 58 
DG  HOP3   H  N N 59 
DG  HOP2   H  N N 60 
DG  "H5'"  H  N N 61 
DG  "H5''" H  N N 62 
DG  "H4'"  H  N N 63 
DG  "H3'"  H  N N 64 
DG  "HO3'" H  N N 65 
DG  "H2'"  H  N N 66 
DG  "H2''" H  N N 67 
DG  "H1'"  H  N N 68 
DG  H8     H  N N 69 
DG  H1     H  N N 70 
DG  H21    H  N N 71 
DG  H22    H  N N 72 
HOH O      O  N N 73 
HOH H1     H  N N 74 
HOH H2     H  N N 75 
# 
loop_
_chem_comp_bond.comp_id 
_chem_comp_bond.atom_id_1 
_chem_comp_bond.atom_id_2 
_chem_comp_bond.value_order 
_chem_comp_bond.pdbx_aromatic_flag 
_chem_comp_bond.pdbx_stereo_config 
_chem_comp_bond.pdbx_ordinal 
DC  OP3   P      sing N N 1  
DC  OP3   HOP3   sing N N 2  
DC  P     OP1    doub N N 3  
DC  P     OP2    sing N N 4  
DC  P     "O5'"  sing N N 5  
DC  OP2   HOP2   sing N N 6  
DC  "O5'" "C5'"  sing N N 7  
DC  "C5'" "C4'"  sing N N 8  
DC  "C5'" "H5'"  sing N N 9  
DC  "C5'" "H5''" sing N N 10 
DC  "C4'" "O4'"  sing N N 11 
DC  "C4'" "C3'"  sing N N 12 
DC  "C4'" "H4'"  sing N N 13 
DC  "O4'" "C1'"  sing N N 14 
DC  "C3'" "O3'"  sing N N 15 
DC  "C3'" "C2'"  sing N N 16 
DC  "C3'" "H3'"  sing N N 17 
DC  "O3'" "HO3'" sing N N 18 
DC  "C2'" "C1'"  sing N N 19 
DC  "C2'" "H2'"  sing N N 20 
DC  "C2'" "H2''" sing N N 21 
DC  "C1'" N1     sing N N 22 
DC  "C1'" "H1'"  sing N N 23 
DC  N1    C2     sing N N 24 
DC  N1    C6     sing N N 25 
DC  C2    O2     doub N N 26 
DC  C2    N3     sing N N 27 
DC  N3    C4     doub N N 28 
DC  C4    N4     sing N N 29 
DC  C4    C5     sing N N 30 
DC  N4    H41    sing N N 31 
DC  N4    H42    sing N N 32 
DC  C5    C6     doub N N 33 
DC  C5    H5     sing N N 34 
DC  C6    H6     sing N N 35 
DG  OP3   P      sing N N 36 
DG  OP3   HOP3   sing N N 37 
DG  P     OP1    doub N N 38 
DG  P     OP2    sing N N 39 
DG  P     "O5'"  sing N N 40 
DG  OP2   HOP2   sing N N 41 
DG  "O5'" "C5'"  sing N N 42 
DG  "C5'" "C4'"  sing N N 43 
DG  "C5'" "H5'"  sing N N 44 
DG  "C5'" "H5''" sing N N 45 
DG  "C4'" "O4'"  sing N N 46 
DG  "C4'" "C3'"  sing N N 47 
DG  "C4'" "H4'"  sing N N 48 
DG  "O4'" "C1'"  sing N N 49 
DG  "C3'" "O3'"  sing N N 50 
DG  "C3'" "C2'"  sing N N 51 
DG  "C3'" "H3'"  sing N N 52 
DG  "O3'" "HO3'" sing N N 53 
DG  "C2'" "C1'"  sing N N 54 
DG  "C2'" "H2'"  sing N N 55 
DG  "C2'" "H2''" sing N N 56 
DG  "C1'" N9     sing N N 57 
DG  "C1'" "H1'"  sing N N 58 
DG  N9    C8     sing Y N 59 
DG  N9    C4     sing Y N 60 
DG  C8    N7     doub Y N 61 
DG  C8    H8     sing N N 62 
DG  N7    C5     sing Y N 63 
DG  C5    C6     sing N N 64 
DG  C5    C4     doub Y N 65 
DG  C6    O6     doub N N 66 
DG  C6    N1     sing N N 67 
DG  N1    C2     sing N N 68 
DG  N1    H1     sing N N 69 
DG  C2    N2     sing N N 70 
DG  C2    N3     doub N N 71 
DG  N2    H21    sing N N 72 
DG  N2    H22    sing N N 73 
DG  N3    C4     sing N N 74 
HOH O     H1     sing N N 75 
HOH O     H2     sing N N 76 
# 
_ndb_struct_conf_na.entry_id   1ZFB 
_ndb_struct_conf_na.feature    'b-form double helix' 
# 
loop_
_ndb_struct_na_base_pair.model_number 
_ndb_struct_na_base_pair.i_label_asym_id 
_ndb_struct_na_base_pair.i_label_comp_id 
_ndb_struct_na_base_pair.i_label_seq_id 
_ndb_struct_na_base_pair.i_symmetry 
_ndb_struct_na_base_pair.j_label_asym_id 
_ndb_struct_na_base_pair.j_label_comp_id 
_ndb_struct_na_base_pair.j_label_seq_id 
_ndb_struct_na_base_pair.j_symmetry 
_ndb_struct_na_base_pair.shear 
_ndb_struct_na_base_pair.stretch 
_ndb_struct_na_base_pair.stagger 
_ndb_struct_na_base_pair.buckle 
_ndb_struct_na_base_pair.propeller 
_ndb_struct_na_base_pair.opening 
_ndb_struct_na_base_pair.pair_number 
_ndb_struct_na_base_pair.pair_name 
_ndb_struct_na_base_pair.i_auth_asym_id 
_ndb_struct_na_base_pair.i_auth_seq_id 
_ndb_struct_na_base_pair.i_PDB_ins_code 
_ndb_struct_na_base_pair.j_auth_asym_id 
_ndb_struct_na_base_pair.j_auth_seq_id 
_ndb_struct_na_base_pair.j_PDB_ins_code 
_ndb_struct_na_base_pair.hbond_type_28 
_ndb_struct_na_base_pair.hbond_type_12 
1 A DC 1  1_555 B DG 10 1_555 0.317  -0.113 0.581  -14.990 -11.403 -1.659 1  A_DC1:DG20_B  A 1  ? B 20 ? 19 1 
1 A DC 2  1_555 B DG 9  1_555 0.269  -0.165 0.334  -10.655 -4.762  -0.661 2  A_DC2:DG19_B  A 2  ? B 19 ? 19 1 
1 A DG 3  1_555 B DC 8  1_555 -0.334 -0.150 0.176  -9.290  -17.313 5.810  3  A_DG3:DC18_B  A 3  ? B 18 ? 19 1 
1 A DC 4  1_555 B DG 7  1_555 0.284  0.001  0.001  -2.418  -12.600 0.690  4  A_DC4:DG17_B  A 4  ? B 17 ? 19 1 
1 A DC 5  1_555 B DG 6  1_555 0.187  -0.147 0.002  -2.344  -5.466  -4.061 5  A_DC5:DG16_B  A 5  ? B 16 ? 19 1 
1 A DG 6  1_555 B DC 5  1_555 -0.456 -0.023 -0.046 -0.196  -5.685  1.084  6  A_DG6:DC15_B  A 6  ? B 15 ? 19 1 
1 A DG 7  1_555 B DC 4  1_555 -0.215 -0.042 0.174  -6.132  -14.247 -0.050 7  A_DG7:DC14_B  A 7  ? B 14 ? 19 1 
1 A DC 8  1_555 B DG 3  1_555 0.146  -0.292 0.110  -7.684  2.513   -2.006 8  A_DC8:DG13_B  A 8  ? B 13 ? 19 1 
1 A DG 9  1_555 B DC 2  1_555 -0.308 0.055  0.262  4.181   -20.824 1.703  9  A_DG9:DC12_B  A 9  ? B 12 ? 19 1 
1 A DG 10 1_555 B DC 1  1_555 -0.357 -0.059 0.372  8.328   -14.322 6.759  10 A_DG10:DC11_B A 10 ? B 11 ? 19 1 
# 
loop_
_ndb_struct_na_base_pair_step.model_number 
_ndb_struct_na_base_pair_step.i_label_asym_id_1 
_ndb_struct_na_base_pair_step.i_label_comp_id_1 
_ndb_struct_na_base_pair_step.i_label_seq_id_1 
_ndb_struct_na_base_pair_step.i_symmetry_1 
_ndb_struct_na_base_pair_step.j_label_asym_id_1 
_ndb_struct_na_base_pair_step.j_label_comp_id_1 
_ndb_struct_na_base_pair_step.j_label_seq_id_1 
_ndb_struct_na_base_pair_step.j_symmetry_1 
_ndb_struct_na_base_pair_step.i_label_asym_id_2 
_ndb_struct_na_base_pair_step.i_label_comp_id_2 
_ndb_struct_na_base_pair_step.i_label_seq_id_2 
_ndb_struct_na_base_pair_step.i_symmetry_2 
_ndb_struct_na_base_pair_step.j_label_asym_id_2 
_ndb_struct_na_base_pair_step.j_label_comp_id_2 
_ndb_struct_na_base_pair_step.j_label_seq_id_2 
_ndb_struct_na_base_pair_step.j_symmetry_2 
_ndb_struct_na_base_pair_step.shift 
_ndb_struct_na_base_pair_step.slide 
_ndb_struct_na_base_pair_step.rise 
_ndb_struct_na_base_pair_step.tilt 
_ndb_struct_na_base_pair_step.roll 
_ndb_struct_na_base_pair_step.twist 
_ndb_struct_na_base_pair_step.x_displacement 
_ndb_struct_na_base_pair_step.y_displacement 
_ndb_struct_na_base_pair_step.helical_rise 
_ndb_struct_na_base_pair_step.inclination 
_ndb_struct_na_base_pair_step.tip 
_ndb_struct_na_base_pair_step.helical_twist 
_ndb_struct_na_base_pair_step.step_number 
_ndb_struct_na_base_pair_step.step_name 
_ndb_struct_na_base_pair_step.i_auth_asym_id_1 
_ndb_struct_na_base_pair_step.i_auth_seq_id_1 
_ndb_struct_na_base_pair_step.i_PDB_ins_code_1 
_ndb_struct_na_base_pair_step.j_auth_asym_id_1 
_ndb_struct_na_base_pair_step.j_auth_seq_id_1 
_ndb_struct_na_base_pair_step.j_PDB_ins_code_1 
_ndb_struct_na_base_pair_step.i_auth_asym_id_2 
_ndb_struct_na_base_pair_step.i_auth_seq_id_2 
_ndb_struct_na_base_pair_step.i_PDB_ins_code_2 
_ndb_struct_na_base_pair_step.j_auth_asym_id_2 
_ndb_struct_na_base_pair_step.j_auth_seq_id_2 
_ndb_struct_na_base_pair_step.j_PDB_ins_code_2 
1 A DC 1 1_555 B DG 10 1_555 A DC 2  1_555 B DG 9 1_555 0.202  0.861 3.441 5.066   0.645  39.021 1.197  0.336  3.452 0.960  -7.544 
39.340 1 AA_DC1DC2:DG19DG20_BB  A 1 ? B 20 ? A 2  ? B 19 ? 
1 A DC 2 1_555 B DG 9  1_555 A DG 3  1_555 B DC 8 1_555 -0.753 0.870 3.268 -1.835  8.625  32.876 0.056  0.983  3.416 14.907 3.171  
34.007 2 AA_DC2DG3:DC18DG19_BB  A 2 ? B 19 ? A 3  ? B 18 ? 
1 A DG 3 1_555 B DC 8  1_555 A DC 4  1_555 B DG 7 1_555 -0.723 0.322 3.072 -1.682  -0.581 39.167 0.545  0.887  3.095 -0.866 2.508  
39.206 3 AA_DG3DC4:DG17DC18_BB  A 3 ? B 18 ? A 4  ? B 17 ? 
1 A DC 4 1_555 B DG 7  1_555 A DC 5  1_555 B DG 6 1_555 1.111  0.336 3.487 4.240   2.178  32.742 0.189  -1.170 3.612 3.839  -7.473 
33.078 4 AA_DC4DC5:DG16DG17_BB  A 4 ? B 17 ? A 5  ? B 16 ? 
1 A DC 5 1_555 B DG 6  1_555 A DG 6  1_555 B DC 5 1_555 0.212  1.134 3.270 2.508   9.732  32.310 0.292  0.063  3.463 16.983 -4.377 
33.797 5 AA_DC5DG6:DC15DG16_BB  A 5 ? B 16 ? A 6  ? B 15 ? 
1 A DG 6 1_555 B DC 5  1_555 A DG 7  1_555 B DC 4 1_555 -1.469 0.595 3.520 -10.278 2.809  35.713 0.504  0.735  3.819 4.459  16.316 
37.219 6 AA_DG6DG7:DC14DC15_BB  A 6 ? B 15 ? A 7  ? B 14 ? 
1 A DG 7 1_555 B DC 4  1_555 A DC 8  1_555 B DG 3 1_555 0.739  0.605 3.407 2.286   -5.021 38.770 1.527  -0.818 3.342 -7.517 -3.422 
39.145 7 AA_DG7DC8:DG13DC14_BB  A 7 ? B 14 ? A 8  ? B 13 ? 
1 A DC 8 1_555 B DG 3  1_555 A DG 9  1_555 B DC 2 1_555 -0.534 0.984 3.176 1.921   10.961 26.403 -0.560 1.527  3.270 22.754 -3.987 
28.614 8 AA_DC8DG9:DC12DG13_BB  A 8 ? B 13 ? A 9  ? B 12 ? 
1 A DG 9 1_555 B DC 2  1_555 A DG 10 1_555 B DC 1 1_555 0.085  1.919 3.278 -6.017  -0.101 39.196 2.842  -0.828 3.226 -0.149 8.905  
39.637 9 AA_DG9DG10:DC11DC12_BB A 9 ? B 12 ? A 10 ? B 11 ? 
# 
_pdbx_initial_refinement_model.accession_code   1QC1 
_pdbx_initial_refinement_model.id               1 
_pdbx_initial_refinement_model.entity_id_list   ? 
_pdbx_initial_refinement_model.type             'experimental model' 
_pdbx_initial_refinement_model.source_name      PDB 
_pdbx_initial_refinement_model.details          'ndb entry BD0015' 
# 
_atom_sites.entry_id                    1ZFB 
_atom_sites.fract_transf_matrix[1][1]   -0.02000797 
_atom_sites.fract_transf_matrix[1][2]   -0.00790668 
_atom_sites.fract_transf_matrix[1][3]   -0.00075446 
_atom_sites.fract_transf_matrix[2][1]   -0.01653459 
_atom_sites.fract_transf_matrix[2][2]   0.01298011 
_atom_sites.fract_transf_matrix[2][3]   -0.00464069 
_atom_sites.fract_transf_matrix[3][1]   0.00258426 
_atom_sites.fract_transf_matrix[3][2]   -0.00446834 
_atom_sites.fract_transf_matrix[3][3]   -0.02170567 
_atom_sites.fract_transf_vector[1]      0.100107 
_atom_sites.fract_transf_vector[2]      0.374903 
_atom_sites.fract_transf_vector[3]      0.189856 
# 
loop_
_atom_type.symbol 
C  
CA 
N  
O  
P  
# 
loop_
_atom_site.group_PDB 
_atom_site.id 
_atom_site.type_symbol 
_atom_site.label_atom_id 
_atom_site.label_alt_id 
_atom_site.label_comp_id 
_atom_site.label_asym_id 
_atom_site.label_entity_id 
_atom_site.label_seq_id 
_atom_site.pdbx_PDB_ins_code 
_atom_site.Cartn_x 
_atom_site.Cartn_y 
_atom_site.Cartn_z 
_atom_site.occupancy 
_atom_site.B_iso_or_equiv 
_atom_site.pdbx_formal_charge 
_atom_site.auth_seq_id 
_atom_site.auth_comp_id 
_atom_site.auth_asym_id 
_atom_site.auth_atom_id 
_atom_site.pdbx_PDB_model_num 
ATOM   1   O  "O5'" . DC  A 1 1  ? 11.002  9.932   -7.616  1.00 9.83  ? 1   DC  A "O5'" 1 
ATOM   2   C  "C5'" . DC  A 1 1  ? 11.533  11.024  -6.851  1.00 9.86  ? 1   DC  A "C5'" 1 
ATOM   3   C  "C4'" . DC  A 1 1  ? 10.633  12.202  -6.552  1.00 9.94  ? 1   DC  A "C4'" 1 
ATOM   4   O  "O4'" . DC  A 1 1  ? 9.658   12.407  -7.602  1.00 9.48  ? 1   DC  A "O4'" 1 
ATOM   5   C  "C3'" . DC  A 1 1  ? 9.848   12.099  -5.247  1.00 10.45 ? 1   DC  A "C3'" 1 
ATOM   6   O  "O3'" . DC  A 1 1  ? 9.931   13.344  -4.547  1.00 11.86 ? 1   DC  A "O3'" 1 
ATOM   7   C  "C2'" . DC  A 1 1  ? 8.422   11.813  -5.685  1.00 9.69  ? 1   DC  A "C2'" 1 
ATOM   8   C  "C1'" . DC  A 1 1  ? 8.332   12.360  -7.098  1.00 8.78  ? 1   DC  A "C1'" 1 
ATOM   9   N  N1    . DC  A 1 1  ? 7.566   11.492  -8.000  1.00 7.54  ? 1   DC  A N1    1 
ATOM   10  C  C2    . DC  A 1 1  ? 6.177   11.635  -8.080  1.00 6.91  ? 1   DC  A C2    1 
ATOM   11  O  O2    . DC  A 1 1  ? 5.614   12.466  -7.350  1.00 6.34  ? 1   DC  A O2    1 
ATOM   12  N  N3    . DC  A 1 1  ? 5.487   10.854  -8.943  1.00 6.15  ? 1   DC  A N3    1 
ATOM   13  C  C4    . DC  A 1 1  ? 6.128   9.951   -9.690  1.00 6.23  ? 1   DC  A C4    1 
ATOM   14  N  N4    . DC  A 1 1  ? 5.413   9.213   -10.530 1.00 5.63  ? 1   DC  A N4    1 
ATOM   15  C  C5    . DC  A 1 1  ? 7.540   9.772   -9.606  1.00 6.43  ? 1   DC  A C5    1 
ATOM   16  C  C6    . DC  A 1 1  ? 8.212   10.555  -8.759  1.00 7.06  ? 1   DC  A C6    1 
ATOM   17  P  P     . DC  A 1 2  ? 9.757   13.374  -2.951  1.00 12.78 ? 2   DC  A P     1 
ATOM   18  O  OP1   . DC  A 1 2  ? 10.021  14.786  -2.567  1.00 12.47 ? 2   DC  A OP1   1 
ATOM   19  O  OP2   . DC  A 1 2  ? 10.513  12.269  -2.304  1.00 12.24 ? 2   DC  A OP2   1 
ATOM   20  O  "O5'" . DC  A 1 2  ? 8.208   13.084  -2.733  1.00 12.61 ? 2   DC  A "O5'" 1 
ATOM   21  C  "C5'" . DC  A 1 2  ? 7.267   14.150  -2.734  1.00 12.81 ? 2   DC  A "C5'" 1 
ATOM   22  C  "C4'" . DC  A 1 2  ? 5.891   13.624  -2.397  1.00 12.73 ? 2   DC  A "C4'" 1 
ATOM   23  O  "O4'" . DC  A 1 2  ? 5.480   12.692  -3.422  1.00 12.92 ? 2   DC  A "O4'" 1 
ATOM   24  C  "C3'" . DC  A 1 2  ? 5.764   12.867  -1.073  1.00 12.56 ? 2   DC  A "C3'" 1 
ATOM   25  O  "O3'" . DC  A 1 2  ? 4.441   13.109  -0.596  1.00 12.49 ? 2   DC  A "O3'" 1 
ATOM   26  C  "C2'" . DC  A 1 2  ? 5.876   11.417  -1.511  1.00 12.59 ? 2   DC  A "C2'" 1 
ATOM   27  C  "C1'" . DC  A 1 2  ? 5.103   11.468  -2.817  1.00 12.20 ? 2   DC  A "C1'" 1 
ATOM   28  N  N1    . DC  A 1 2  ? 5.350   10.406  -3.801  1.00 12.12 ? 2   DC  A N1    1 
ATOM   29  C  C2    . DC  A 1 2  ? 4.295   10.038  -4.630  1.00 11.76 ? 2   DC  A C2    1 
ATOM   30  O  O2    . DC  A 1 2  ? 3.199   10.598  -4.473  1.00 11.80 ? 2   DC  A O2    1 
ATOM   31  N  N3    . DC  A 1 2  ? 4.490   9.090   -5.574  1.00 11.69 ? 2   DC  A N3    1 
ATOM   32  C  C4    . DC  A 1 2  ? 5.689   8.514   -5.702  1.00 11.57 ? 2   DC  A C4    1 
ATOM   33  N  N4    . DC  A 1 2  ? 5.842   7.595   -6.661  1.00 11.29 ? 2   DC  A N4    1 
ATOM   34  C  C5    . DC  A 1 2  ? 6.781   8.859   -4.855  1.00 11.87 ? 2   DC  A C5    1 
ATOM   35  C  C6    . DC  A 1 2  ? 6.569   9.800   -3.925  1.00 11.70 ? 2   DC  A C6    1 
ATOM   36  P  P     . DG  A 1 3  ? 4.125   13.124  0.978   1.00 12.58 ? 3   DG  A P     1 
ATOM   37  O  OP1   . DG  A 1 3  ? 4.215   14.549  1.379   1.00 12.71 ? 3   DG  A OP1   1 
ATOM   38  O  OP2   . DG  A 1 3  ? 4.929   12.098  1.690   1.00 12.32 ? 3   DG  A OP2   1 
ATOM   39  O  "O5'" . DG  A 1 3  ? 2.589   12.698  1.024   1.00 11.84 ? 3   DG  A "O5'" 1 
ATOM   40  C  "C5'" . DG  A 1 3  ? 1.601   13.570  0.476   1.00 11.06 ? 3   DG  A "C5'" 1 
ATOM   41  C  "C4'" . DG  A 1 3  ? 0.396   12.790  0.005   1.00 10.35 ? 3   DG  A "C4'" 1 
ATOM   42  O  "O4'" . DG  A 1 3  ? 0.752   11.827  -1.015  1.00 10.05 ? 3   DG  A "O4'" 1 
ATOM   43  C  "C3'" . DG  A 1 3  ? -0.319  12.005  1.101   1.00 10.07 ? 3   DG  A "C3'" 1 
ATOM   44  O  "O3'" . DG  A 1 3  ? -1.726  12.163  0.897   1.00 10.23 ? 3   DG  A "O3'" 1 
ATOM   45  C  "C2'" . DG  A 1 3  ? 0.124   10.572  0.856   1.00 9.90  ? 3   DG  A "C2'" 1 
ATOM   46  C  "C1'" . DG  A 1 3  ? 0.296   10.531  -0.655  1.00 9.51  ? 3   DG  A "C1'" 1 
ATOM   47  N  N9    . DG  A 1 3  ? 1.285   9.576   -1.153  1.00 9.11  ? 3   DG  A N9    1 
ATOM   48  C  C8    . DG  A 1 3  ? 2.577   9.420   -0.703  1.00 8.62  ? 3   DG  A C8    1 
ATOM   49  N  N7    . DG  A 1 3  ? 3.250   8.532   -1.381  1.00 8.23  ? 3   DG  A N7    1 
ATOM   50  C  C5    . DG  A 1 3  ? 2.349   8.060   -2.324  1.00 8.35  ? 3   DG  A C5    1 
ATOM   51  C  C6    . DG  A 1 3  ? 2.522   7.113   -3.371  1.00 7.82  ? 3   DG  A C6    1 
ATOM   52  O  O6    . DG  A 1 3  ? 3.526   6.455   -3.665  1.00 7.59  ? 3   DG  A O6    1 
ATOM   53  N  N1    . DG  A 1 3  ? 1.360   6.961   -4.115  1.00 8.00  ? 3   DG  A N1    1 
ATOM   54  C  C2    . DG  A 1 3  ? 0.186   7.617   -3.885  1.00 7.92  ? 3   DG  A C2    1 
ATOM   55  N  N2    . DG  A 1 3  ? -0.824  7.302   -4.709  1.00 7.57  ? 3   DG  A N2    1 
ATOM   56  N  N3    . DG  A 1 3  ? 0.010   8.507   -2.921  1.00 8.20  ? 3   DG  A N3    1 
ATOM   57  C  C4    . DG  A 1 3  ? 1.126   8.681   -2.186  1.00 8.26  ? 3   DG  A C4    1 
ATOM   58  P  P     . DC  A 1 4  ? -2.760  11.562  1.963   1.00 10.18 ? 4   DC  A P     1 
ATOM   59  O  OP1   . DC  A 1 4  ? -3.788  12.608  2.195   1.00 9.91  ? 4   DC  A OP1   1 
ATOM   60  O  OP2   . DC  A 1 4  ? -1.982  11.012  3.110   1.00 10.49 ? 4   DC  A OP2   1 
ATOM   61  O  "O5'" . DC  A 1 4  ? -3.459  10.377  1.156   1.00 9.42  ? 4   DC  A "O5'" 1 
ATOM   62  C  "C5'" . DC  A 1 4  ? -3.972  10.621  -0.151  1.00 8.41  ? 4   DC  A "C5'" 1 
ATOM   63  C  "C4'" . DC  A 1 4  ? -4.686  9.398   -0.674  1.00 7.52  ? 4   DC  A "C4'" 1 
ATOM   64  O  "O4'" . DC  A 1 4  ? -3.702  8.516   -1.256  1.00 7.41  ? 4   DC  A "O4'" 1 
ATOM   65  C  "C3'" . DC  A 1 4  ? -5.421  8.589   0.393   1.00 7.47  ? 4   DC  A "C3'" 1 
ATOM   66  O  "O3'" . DC  A 1 4  ? -6.672  8.137   -0.128  1.00 7.65  ? 4   DC  A "O3'" 1 
ATOM   67  C  "C2'" . DC  A 1 4  ? -4.490  7.424   0.684   1.00 7.15  ? 4   DC  A "C2'" 1 
ATOM   68  C  "C1'" . DC  A 1 4  ? -3.724  7.245   -0.618  1.00 6.73  ? 4   DC  A "C1'" 1 
ATOM   69  N  N1    . DC  A 1 4  ? -2.327  6.809   -0.484  1.00 6.25  ? 4   DC  A N1    1 
ATOM   70  C  C2    . DC  A 1 4  ? -1.799  5.953   -1.457  1.00 6.11  ? 4   DC  A C2    1 
ATOM   71  O  O2    . DC  A 1 4  ? -2.536  5.582   -2.378  1.00 5.35  ? 4   DC  A O2    1 
ATOM   72  N  N3    . DC  A 1 4  ? -0.505  5.556   -1.368  1.00 5.38  ? 4   DC  A N3    1 
ATOM   73  C  C4    . DC  A 1 4  ? 0.249   5.986   -0.353  1.00 5.81  ? 4   DC  A C4    1 
ATOM   74  N  N4    . DC  A 1 4  ? 1.520   5.589   -0.300  1.00 5.35  ? 4   DC  A N4    1 
ATOM   75  C  C5    . DC  A 1 4  ? -0.271  6.853   0.658   1.00 5.61  ? 4   DC  A C5    1 
ATOM   76  C  C6    . DC  A 1 4  ? -1.549  7.233   0.556   1.00 6.19  ? 4   DC  A C6    1 
ATOM   77  P  P     . DC  A 1 5  ? -7.632  7.237   0.785   1.00 7.53  ? 5   DC  A P     1 
ATOM   78  O  OP1   . DC  A 1 5  ? -9.018  7.424   0.284   1.00 7.93  ? 5   DC  A OP1   1 
ATOM   79  O  OP2   . DC  A 1 5  ? -7.312  7.512   2.209   1.00 7.60  ? 5   DC  A OP2   1 
ATOM   80  O  "O5'" . DC  A 1 5  ? -7.170  5.741   0.489   1.00 8.06  ? 5   DC  A "O5'" 1 
ATOM   81  C  "C5'" . DC  A 1 5  ? -7.299  5.164   -0.802  1.00 7.78  ? 5   DC  A "C5'" 1 
ATOM   82  C  "C4'" . DC  A 1 5  ? -6.660  3.795   -0.808  1.00 7.68  ? 5   DC  A "C4'" 1 
ATOM   83  O  "O4'" . DC  A 1 5  ? -5.232  3.919   -0.580  1.00 7.28  ? 5   DC  A "O4'" 1 
ATOM   84  C  "C3'" . DC  A 1 5  ? -7.179  2.853   0.286   1.00 7.83  ? 5   DC  A "C3'" 1 
ATOM   85  O  "O3'" . DC  A 1 5  ? -7.336  1.537   -0.233  1.00 8.32  ? 5   DC  A "O3'" 1 
ATOM   86  C  "C2'" . DC  A 1 5  ? -6.007  2.739   1.238   1.00 7.19  ? 5   DC  A "C2'" 1 
ATOM   87  C  "C1'" . DC  A 1 5  ? -4.885  2.808   0.223   1.00 6.84  ? 5   DC  A "C1'" 1 
ATOM   88  N  N1    . DC  A 1 5  ? -3.562  3.033   0.808   1.00 6.19  ? 5   DC  A N1    1 
ATOM   89  C  C2    . DC  A 1 5  ? -2.455  2.459   0.186   1.00 5.95  ? 5   DC  A C2    1 
ATOM   90  O  O2    . DC  A 1 5  ? -2.627  1.821   -0.871  1.00 5.42  ? 5   DC  A O2    1 
ATOM   91  N  N3    . DC  A 1 5  ? -1.231  2.616   0.746   1.00 5.37  ? 5   DC  A N3    1 
ATOM   92  C  C4    . DC  A 1 5  ? -1.102  3.321   1.875   1.00 5.67  ? 5   DC  A C4    1 
ATOM   93  N  N4    . DC  A 1 5  ? 0.111   3.439   2.408   1.00 4.77  ? 5   DC  A N4    1 
ATOM   94  C  C5    . DC  A 1 5  ? -2.216  3.938   2.514   1.00 5.53  ? 5   DC  A C5    1 
ATOM   95  C  C6    . DC  A 1 5  ? -3.417  3.770   1.950   1.00 6.03  ? 5   DC  A C6    1 
ATOM   96  P  P     . DG  A 1 6  ? -8.804  0.956   -0.514  1.00 8.38  ? 6   DG  A P     1 
ATOM   97  O  OP1   . DG  A 1 6  ? -9.171  1.537   -1.823  1.00 8.20  ? 6   DG  A OP1   1 
ATOM   98  O  OP2   . DG  A 1 6  ? -9.655  1.193   0.689   1.00 8.32  ? 6   DG  A OP2   1 
ATOM   99  O  "O5'" . DG  A 1 6  ? -8.524  -0.596  -0.699  1.00 7.89  ? 6   DG  A "O5'" 1 
ATOM   100 C  "C5'" . DG  A 1 6  ? -7.980  -1.068  -1.925  1.00 6.83  ? 6   DG  A "C5'" 1 
ATOM   101 C  "C4'" . DG  A 1 6  ? -6.938  -2.125  -1.655  1.00 5.73  ? 6   DG  A "C4'" 1 
ATOM   102 O  "O4'" . DG  A 1 6  ? -5.784  -1.534  -1.015  1.00 5.25  ? 6   DG  A "O4'" 1 
ATOM   103 C  "C3'" . DG  A 1 6  ? -7.416  -3.214  -0.696  1.00 5.39  ? 6   DG  A "C3'" 1 
ATOM   104 O  "O3'" . DG  A 1 6  ? -6.730  -4.407  -1.058  1.00 5.63  ? 6   DG  A "O3'" 1 
ATOM   105 C  "C2'" . DG  A 1 6  ? -6.842  -2.764  0.631   1.00 5.10  ? 6   DG  A "C2'" 1 
ATOM   106 C  "C1'" . DG  A 1 6  ? -5.487  -2.317  0.128   1.00 4.98  ? 6   DG  A "C1'" 1 
ATOM   107 N  N9    . DG  A 1 6  ? -4.759  -1.482  1.069   1.00 4.79  ? 6   DG  A N9    1 
ATOM   108 C  C8    . DG  A 1 6  ? -5.291  -0.638  2.010   1.00 4.93  ? 6   DG  A C8    1 
ATOM   109 N  N7    . DG  A 1 6  ? -4.384  -0.038  2.726   1.00 4.55  ? 6   DG  A N7    1 
ATOM   110 C  C5    . DG  A 1 6  ? -3.184  -0.509  2.217   1.00 4.34  ? 6   DG  A C5    1 
ATOM   111 C  C6    . DG  A 1 6  ? -1.865  -0.213  2.590   1.00 4.12  ? 6   DG  A C6    1 
ATOM   112 O  O6    . DG  A 1 6  ? -1.489  0.556   3.454   1.00 4.34  ? 6   DG  A O6    1 
ATOM   113 N  N1    . DG  A 1 6  ? -0.942  -0.919  1.830   1.00 4.17  ? 6   DG  A N1    1 
ATOM   114 C  C2    . DG  A 1 6  ? -1.253  -1.798  0.823   1.00 3.88  ? 6   DG  A C2    1 
ATOM   115 N  N2    . DG  A 1 6  ? -0.212  -2.389  0.208   1.00 3.54  ? 6   DG  A N2    1 
ATOM   116 N  N3    . DG  A 1 6  ? -2.492  -2.075  0.455   1.00 4.23  ? 6   DG  A N3    1 
ATOM   117 C  C4    . DG  A 1 6  ? -3.398  -1.400  1.193   1.00 4.33  ? 6   DG  A C4    1 
ATOM   118 P  P     . DG  A 1 7  ? -7.495  -5.527  -1.904  1.00 5.29  ? 7   DG  A P     1 
ATOM   119 O  OP1   . DG  A 1 7  ? -8.185  -4.912  -3.062  1.00 5.40  ? 7   DG  A OP1   1 
ATOM   120 O  OP2   . DG  A 1 7  ? -8.275  -6.302  -0.903  1.00 5.21  ? 7   DG  A OP2   1 
ATOM   121 O  "O5'" . DG  A 1 7  ? -6.284  -6.416  -2.442  1.00 4.64  ? 7   DG  A "O5'" 1 
ATOM   122 C  "C5'" . DG  A 1 7  ? -5.281  -5.859  -3.289  1.00 4.51  ? 7   DG  A "C5'" 1 
ATOM   123 C  "C4'" . DG  A 1 7  ? -3.951  -6.535  -3.046  1.00 3.80  ? 7   DG  A "C4'" 1 
ATOM   124 O  "O4'" . DG  A 1 7  ? -3.267  -5.875  -1.957  1.00 3.60  ? 7   DG  A "O4'" 1 
ATOM   125 C  "C3'" . DG  A 1 7  ? -4.031  -8.005  -2.640  1.00 4.24  ? 7   DG  A "C3'" 1 
ATOM   126 O  "O3'" . DG  A 1 7  ? -2.866  -8.653  -3.159  1.00 4.73  ? 7   DG  A "O3'" 1 
ATOM   127 C  "C2'" . DG  A 1 7  ? -4.013  -7.930  -1.121  1.00 3.62  ? 7   DG  A "C2'" 1 
ATOM   128 C  "C1'" . DG  A 1 7  ? -3.046  -6.773  -0.885  1.00 3.05  ? 7   DG  A "C1'" 1 
ATOM   129 N  N9    . DG  A 1 7  ? -3.203  -5.990  0.337   1.00 2.23  ? 7   DG  A N9    1 
ATOM   130 C  C8    . DG  A 1 7  ? -4.367  -5.441  0.815   1.00 2.06  ? 7   DG  A C8    1 
ATOM   131 N  N7    . DG  A 1 7  ? -4.194  -4.723  1.892   1.00 1.52  ? 7   DG  A N7    1 
ATOM   132 C  C5    . DG  A 1 7  ? -2.836  -4.820  2.154   1.00 1.52  ? 7   DG  A C5    1 
ATOM   133 C  C6    . DG  A 1 7  ? -2.062  -4.228  3.179   1.00 1.42  ? 7   DG  A C6    1 
ATOM   134 O  O6    . DG  A 1 7  ? -2.434  -3.483  4.088   1.00 1.38  ? 7   DG  A O6    1 
ATOM   135 N  N1    . DG  A 1 7  ? -0.722  -4.575  3.074   1.00 1.00  ? 7   DG  A N1    1 
ATOM   136 C  C2    . DG  A 1 7  ? -0.187  -5.387  2.109   1.00 1.00  ? 7   DG  A C2    1 
ATOM   137 N  N2    . DG  A 1 7  ? 1.138   -5.612  2.211   1.00 1.00  ? 7   DG  A N2    1 
ATOM   138 N  N3    . DG  A 1 7  ? -0.896  -5.934  1.133   1.00 1.55  ? 7   DG  A N3    1 
ATOM   139 C  C4    . DG  A 1 7  ? -2.208  -5.611  1.216   1.00 1.56  ? 7   DG  A C4    1 
ATOM   140 P  P     . DC  A 1 8  ? -2.830  -10.252 -3.305  1.00 4.95  ? 8   DC  A P     1 
ATOM   141 O  OP1   . DC  A 1 8  ? -2.053  -10.555 -4.534  1.00 4.48  ? 8   DC  A OP1   1 
ATOM   142 O  OP2   . DC  A 1 8  ? -4.225  -10.759 -3.167  1.00 4.69  ? 8   DC  A OP2   1 
ATOM   143 O  "O5'" . DC  A 1 8  ? -1.944  -10.701 -2.061  1.00 5.41  ? 8   DC  A "O5'" 1 
ATOM   144 C  "C5'" . DC  A 1 8  ? -0.633  -10.167 -1.900  1.00 5.98  ? 8   DC  A "C5'" 1 
ATOM   145 C  "C4'" . DC  A 1 8  ? -0.139  -10.393 -0.492  1.00 6.98  ? 8   DC  A "C4'" 1 
ATOM   146 O  "O4'" . DC  A 1 8  ? -0.753  -9.439  0.405   1.00 6.99  ? 8   DC  A "O4'" 1 
ATOM   147 C  "C3'" . DC  A 1 8  ? -0.436  -11.782 0.079   1.00 7.65  ? 8   DC  A "C3'" 1 
ATOM   148 O  "O3'" . DC  A 1 8  ? 0.793   -12.324 0.552   1.00 9.32  ? 8   DC  A "O3'" 1 
ATOM   149 C  "C2'" . DC  A 1 8  ? -1.355  -11.503 1.257   1.00 7.43  ? 8   DC  A "C2'" 1 
ATOM   150 C  "C1'" . DC  A 1 8  ? -0.941  -10.089 1.643   1.00 6.57  ? 8   DC  A "C1'" 1 
ATOM   151 N  N1    . DC  A 1 8  ? -1.918  -9.303  2.406   1.00 5.63  ? 8   DC  A N1    1 
ATOM   152 C  C2    . DC  A 1 8  ? -1.469  -8.525  3.481   1.00 4.98  ? 8   DC  A C2    1 
ATOM   153 O  O2    . DC  A 1 8  ? -0.256  -8.522  3.767   1.00 3.68  ? 8   DC  A O2    1 
ATOM   154 N  N3    . DC  A 1 8  ? -2.367  -7.796  4.183   1.00 4.80  ? 8   DC  A N3    1 
ATOM   155 C  C4    . DC  A 1 8  ? -3.658  -7.823  3.850   1.00 5.11  ? 8   DC  A C4    1 
ATOM   156 N  N4    . DC  A 1 8  ? -4.508  -7.096  4.575   1.00 5.21  ? 8   DC  A N4    1 
ATOM   157 C  C5    . DC  A 1 8  ? -4.137  -8.601  2.760   1.00 5.39  ? 8   DC  A C5    1 
ATOM   158 C  C6    . DC  A 1 8  ? -3.243  -9.320  2.074   1.00 5.66  ? 8   DC  A C6    1 
ATOM   159 P  P     . DG  A 1 9  ? 1.280   -13.781 0.083   1.00 10.29 ? 9   DG  A P     1 
ATOM   160 O  OP1   . DG  A 1 9  ? 2.154   -13.581 -1.094  1.00 10.35 ? 9   DG  A OP1   1 
ATOM   161 O  OP2   . DG  A 1 9  ? 0.124   -14.696 -0.011  1.00 10.48 ? 9   DG  A OP2   1 
ATOM   162 O  "O5'" . DG  A 1 9  ? 2.191   -14.203 1.320   1.00 10.55 ? 9   DG  A "O5'" 1 
ATOM   163 C  "C5'" . DG  A 1 9  ? 3.182   -13.302 1.817   1.00 11.77 ? 9   DG  A "C5'" 1 
ATOM   164 C  "C4'" . DG  A 1 9  ? 3.227   -13.331 3.329   1.00 11.97 ? 9   DG  A "C4'" 1 
ATOM   165 O  "O4'" . DG  A 1 9  ? 2.177   -12.517 3.900   1.00 12.16 ? 9   DG  A "O4'" 1 
ATOM   166 C  "C3'" . DG  A 1 9  ? 3.077   -14.713 3.967   1.00 12.30 ? 9   DG  A "C3'" 1 
ATOM   167 O  "O3'" . DG  A 1 9  ? 3.937   -14.792 5.102   1.00 12.68 ? 9   DG  A "O3'" 1 
ATOM   168 C  "C2'" . DG  A 1 9  ? 1.651   -14.708 4.483   1.00 12.36 ? 9   DG  A "C2'" 1 
ATOM   169 C  "C1'" . DG  A 1 9  ? 1.554   -13.264 4.934   1.00 12.13 ? 9   DG  A "C1'" 1 
ATOM   170 N  N9    . DG  A 1 9  ? 0.193   -12.771 5.099   1.00 12.19 ? 9   DG  A N9    1 
ATOM   171 C  C8    . DG  A 1 9  ? -0.950  -13.232 4.493   1.00 12.09 ? 9   DG  A C8    1 
ATOM   172 N  N7    . DG  A 1 9  ? -2.021  -12.580 4.861   1.00 12.07 ? 9   DG  A N7    1 
ATOM   173 C  C5    . DG  A 1 9  ? -1.555  -11.631 5.758   1.00 12.10 ? 9   DG  A C5    1 
ATOM   174 C  C6    . DG  A 1 9  ? -2.255  -10.646 6.510   1.00 12.18 ? 9   DG  A C6    1 
ATOM   175 O  O6    . DG  A 1 9  ? -3.467  -10.380 6.505   1.00 12.25 ? 9   DG  A O6    1 
ATOM   176 N  N1    . DG  A 1 9  ? -1.392  -9.925  7.329   1.00 12.04 ? 9   DG  A N1    1 
ATOM   177 C  C2    . DG  A 1 9  ? -0.035  -10.119 7.412   1.00 11.83 ? 9   DG  A C2    1 
ATOM   178 N  N2    . DG  A 1 9  ? 0.630   -9.328  8.264   1.00 12.18 ? 9   DG  A N2    1 
ATOM   179 N  N3    . DG  A 1 9  ? 0.628   -11.023 6.713   1.00 11.88 ? 9   DG  A N3    1 
ATOM   180 C  C4    . DG  A 1 9  ? -0.190  -11.737 5.915   1.00 12.07 ? 9   DG  A C4    1 
ATOM   181 P  P     . DG  A 1 10 ? 5.363   -15.511 4.966   1.00 13.13 ? 10  DG  A P     1 
ATOM   182 O  OP1   . DG  A 1 10 ? 6.101   -14.807 3.884   1.00 13.19 ? 10  DG  A OP1   1 
ATOM   183 O  OP2   . DG  A 1 10 ? 5.114   -16.976 4.851   1.00 13.29 ? 10  DG  A OP2   1 
ATOM   184 O  "O5'" . DG  A 1 10 ? 6.062   -15.173 6.355   1.00 12.69 ? 10  DG  A "O5'" 1 
ATOM   185 C  "C5'" . DG  A 1 10 ? 6.096   -13.836 6.849   1.00 11.92 ? 10  DG  A "C5'" 1 
ATOM   186 C  "C4'" . DG  A 1 10 ? 5.620   -13.800 8.283   1.00 11.51 ? 10  DG  A "C4'" 1 
ATOM   187 O  "O4'" . DG  A 1 10 ? 4.194   -13.566 8.320   1.00 11.29 ? 10  DG  A "O4'" 1 
ATOM   188 C  "C3'" . DG  A 1 10 ? 5.857   -15.100 9.050   1.00 10.97 ? 10  DG  A "C3'" 1 
ATOM   189 O  "O3'" . DG  A 1 10 ? 6.291   -14.778 10.377  1.00 10.84 ? 10  DG  A "O3'" 1 
ATOM   190 C  "C2'" . DG  A 1 10 ? 4.497   -15.772 9.027   1.00 11.11 ? 10  DG  A "C2'" 1 
ATOM   191 C  "C1'" . DG  A 1 10 ? 3.564   -14.575 9.096   1.00 11.12 ? 10  DG  A "C1'" 1 
ATOM   192 N  N9    . DG  A 1 10 ? 2.238   -14.794 8.527   1.00 10.58 ? 10  DG  A N9    1 
ATOM   193 C  C8    . DG  A 1 10 ? 1.887   -15.717 7.573   1.00 10.69 ? 10  DG  A C8    1 
ATOM   194 N  N7    . DG  A 1 10 ? 0.627   -15.651 7.237   1.00 10.78 ? 10  DG  A N7    1 
ATOM   195 C  C5    . DG  A 1 10 ? 0.114   -14.630 8.024   1.00 10.40 ? 10  DG  A C5    1 
ATOM   196 C  C6    . DG  A 1 10 ? -1.203  -14.090 8.092   1.00 10.29 ? 10  DG  A C6    1 
ATOM   197 O  O6    . DG  A 1 10 ? -2.206  -14.425 7.454   1.00 9.80  ? 10  DG  A O6    1 
ATOM   198 N  N1    . DG  A 1 10 ? -1.286  -13.056 9.022   1.00 9.96  ? 10  DG  A N1    1 
ATOM   199 C  C2    . DG  A 1 10 ? -0.241  -12.600 9.786   1.00 9.84  ? 10  DG  A C2    1 
ATOM   200 N  N2    . DG  A 1 10 ? -0.530  -11.606 10.630  1.00 9.72  ? 10  DG  A N2    1 
ATOM   201 N  N3    . DG  A 1 10 ? 0.991   -13.088 9.725   1.00 10.19 ? 10  DG  A N3    1 
ATOM   202 C  C4    . DG  A 1 10 ? 1.094   -14.095 8.833   1.00 10.43 ? 10  DG  A C4    1 
ATOM   203 O  "O5'" . DC  B 1 1  ? -9.317  -9.304  14.072  1.00 16.10 ? 11  DC  B "O5'" 1 
ATOM   204 C  "C5'" . DC  B 1 1  ? -8.328  -10.152 13.464  1.00 15.90 ? 11  DC  B "C5'" 1 
ATOM   205 C  "C4'" . DC  B 1 1  ? -6.926  -9.737  13.844  1.00 15.88 ? 11  DC  B "C4'" 1 
ATOM   206 O  "O4'" . DC  B 1 1  ? -5.957  -10.571 13.167  1.00 15.23 ? 11  DC  B "O4'" 1 
ATOM   207 C  "C3'" . DC  B 1 1  ? -6.572  -8.294  13.487  1.00 16.09 ? 11  DC  B "C3'" 1 
ATOM   208 O  "O3'" . DC  B 1 1  ? -5.785  -7.715  14.530  1.00 17.00 ? 11  DC  B "O3'" 1 
ATOM   209 C  "C2'" . DC  B 1 1  ? -5.772  -8.420  12.203  1.00 15.60 ? 11  DC  B "C2'" 1 
ATOM   210 C  "C1'" . DC  B 1 1  ? -5.149  -9.807  12.288  1.00 14.65 ? 11  DC  B "C1'" 1 
ATOM   211 N  N1    . DC  B 1 1  ? -5.112  -10.527 11.006  1.00 13.77 ? 11  DC  B N1    1 
ATOM   212 C  C2    . DC  B 1 1  ? -3.914  -11.107 10.598  1.00 12.93 ? 11  DC  B C2    1 
ATOM   213 O  O2    . DC  B 1 1  ? -2.924  -10.970 11.320  1.00 13.22 ? 11  DC  B O2    1 
ATOM   214 N  N3    . DC  B 1 1  ? -3.870  -11.796 9.434   1.00 12.42 ? 11  DC  B N3    1 
ATOM   215 C  C4    . DC  B 1 1  ? -4.975  -11.913 8.690   1.00 12.34 ? 11  DC  B C4    1 
ATOM   216 N  N4    . DC  B 1 1  ? -4.903  -12.614 7.555   1.00 11.66 ? 11  DC  B N4    1 
ATOM   217 C  C5    . DC  B 1 1  ? -6.209  -11.320 9.078   1.00 12.55 ? 11  DC  B C5    1 
ATOM   218 C  C6    . DC  B 1 1  ? -6.231  -10.639 10.231  1.00 12.88 ? 11  DC  B C6    1 
ATOM   219 P  P     . DC  B 1 2  ? -5.764  -6.119  14.716  1.00 17.91 ? 12  DC  B P     1 
ATOM   220 O  OP1   . DC  B 1 2  ? -6.199  -5.826  16.105  1.00 17.62 ? 12  DC  B OP1   1 
ATOM   221 O  OP2   . DC  B 1 2  ? -6.467  -5.485  13.576  1.00 17.75 ? 12  DC  B OP2   1 
ATOM   222 O  "O5'" . DC  B 1 2  ? -4.224  -5.745  14.600  1.00 17.42 ? 12  DC  B "O5'" 1 
ATOM   223 C  "C5'" . DC  B 1 2  ? -3.218  -6.628  15.089  1.00 17.27 ? 12  DC  B "C5'" 1 
ATOM   224 C  "C4'" . DC  B 1 2  ? -1.902  -6.297  14.428  1.00 16.73 ? 12  DC  B "C4'" 1 
ATOM   225 O  "O4'" . DC  B 1 2  ? -1.879  -6.916  13.120  1.00 16.82 ? 12  DC  B "O4'" 1 
ATOM   226 C  "C3'" . DC  B 1 2  ? -1.774  -4.796  14.182  1.00 16.52 ? 12  DC  B "C3'" 1 
ATOM   227 O  "O3'" . DC  B 1 2  ? -0.416  -4.372  14.296  1.00 16.12 ? 12  DC  B "O3'" 1 
ATOM   228 C  "C2'" . DC  B 1 2  ? -2.241  -4.633  12.749  1.00 16.70 ? 12  DC  B "C2'" 1 
ATOM   229 C  "C1'" . DC  B 1 2  ? -1.738  -5.916  12.118  1.00 16.81 ? 12  DC  B "C1'" 1 
ATOM   230 N  N1    . DC  B 1 2  ? -2.516  -6.333  10.944  1.00 16.93 ? 12  DC  B N1    1 
ATOM   231 C  C2    . DC  B 1 2  ? -2.000  -7.326  10.105  1.00 17.03 ? 12  DC  B C2    1 
ATOM   232 O  O2    . DC  B 1 2  ? -0.895  -7.820  10.372  1.00 16.99 ? 12  DC  B O2    1 
ATOM   233 N  N3    . DC  B 1 2  ? -2.714  -7.721  9.027   1.00 16.86 ? 12  DC  B N3    1 
ATOM   234 C  C4    . DC  B 1 2  ? -3.898  -7.160  8.774   1.00 17.13 ? 12  DC  B C4    1 
ATOM   235 N  N4    . DC  B 1 2  ? -4.572  -7.578  7.700   1.00 17.09 ? 12  DC  B N4    1 
ATOM   236 C  C5    . DC  B 1 2  ? -4.447  -6.142  9.609   1.00 17.24 ? 12  DC  B C5    1 
ATOM   237 C  C6    . DC  B 1 2  ? -3.729  -5.762  10.674  1.00 17.16 ? 12  DC  B C6    1 
ATOM   238 P  P     . DG  B 1 3  ? -0.074  -2.808  14.190  1.00 15.69 ? 13  DG  B P     1 
ATOM   239 O  OP1   . DG  B 1 3  ? 0.714   -2.468  15.400  1.00 15.69 ? 13  DG  B OP1   1 
ATOM   240 O  OP2   . DG  B 1 3  ? -1.343  -2.086  13.906  1.00 15.54 ? 13  DG  B OP2   1 
ATOM   241 O  "O5'" . DG  B 1 3  ? 0.848   -2.691  12.894  1.00 14.71 ? 13  DG  B "O5'" 1 
ATOM   242 C  "C5'" . DG  B 1 3  ? 1.925   -3.600  12.656  1.00 12.88 ? 13  DG  B "C5'" 1 
ATOM   243 C  "C4'" . DG  B 1 3  ? 2.457   -3.436  11.248  1.00 11.76 ? 13  DG  B "C4'" 1 
ATOM   244 O  "O4'" . DG  B 1 3  ? 1.555   -4.085  10.319  1.00 11.35 ? 13  DG  B "O4'" 1 
ATOM   245 C  "C3'" . DG  B 1 3  ? 2.557   -1.985  10.770  1.00 11.09 ? 13  DG  B "C3'" 1 
ATOM   246 O  "O3'" . DG  B 1 3  ? 3.631   -1.830  9.828   1.00 10.13 ? 13  DG  B "O3'" 1 
ATOM   247 C  "C2'" . DG  B 1 3  ? 1.246   -1.799  10.032  1.00 10.79 ? 13  DG  B "C2'" 1 
ATOM   248 C  "C1'" . DG  B 1 3  ? 1.169   -3.141  9.332   1.00 10.77 ? 13  DG  B "C1'" 1 
ATOM   249 N  N9    . DG  B 1 3  ? -0.151  -3.513  8.830   1.00 10.20 ? 13  DG  B N9    1 
ATOM   250 C  C8    . DG  B 1 3  ? -1.367  -3.017  9.223   1.00 10.15 ? 13  DG  B C8    1 
ATOM   251 N  N7    . DG  B 1 3  ? -2.370  -3.546  8.573   1.00 9.84  ? 13  DG  B N7    1 
ATOM   252 C  C5    . DG  B 1 3  ? -1.780  -4.446  7.699   1.00 10.06 ? 13  DG  B C5    1 
ATOM   253 C  C6    . DG  B 1 3  ? -2.365  -5.356  6.783   1.00 9.87  ? 13  DG  B C6    1 
ATOM   254 O  O6    . DG  B 1 3  ? -3.567  -5.503  6.508   1.00 10.25 ? 13  DG  B O6    1 
ATOM   255 N  N1    . DG  B 1 3  ? -1.401  -6.146  6.159   1.00 9.69  ? 13  DG  B N1    1 
ATOM   256 C  C2    . DG  B 1 3  ? -0.046  -6.067  6.394   1.00 9.62  ? 13  DG  B C2    1 
ATOM   257 N  N2    . DG  B 1 3  ? 0.744   -6.916  5.727   1.00 9.11  ? 13  DG  B N2    1 
ATOM   258 N  N3    . DG  B 1 3  ? 0.507   -5.213  7.236   1.00 9.77  ? 13  DG  B N3    1 
ATOM   259 C  C4    . DG  B 1 3  ? -0.409  -4.442  7.849   1.00 9.93  ? 13  DG  B C4    1 
ATOM   260 P  P     . DC  B 1 4  ? 5.116   -1.482  10.346  1.00 9.16  ? 14  DC  B P     1 
ATOM   261 O  OP1   . DC  B 1 4  ? 5.374   -2.256  11.590  1.00 9.73  ? 14  DC  B OP1   1 
ATOM   262 O  OP2   . DC  B 1 4  ? 5.272   -0.008  10.364  1.00 9.08  ? 14  DC  B OP2   1 
ATOM   263 O  "O5'" . DC  B 1 4  ? 6.052   -2.073  9.199   1.00 8.25  ? 14  DC  B "O5'" 1 
ATOM   264 C  "C5'" . DC  B 1 4  ? 6.330   -3.468  9.109   1.00 7.28  ? 14  DC  B "C5'" 1 
ATOM   265 C  "C4'" . DC  B 1 4  ? 6.264   -3.927  7.671   1.00 6.60  ? 14  DC  B "C4'" 1 
ATOM   266 O  "O4'" . DC  B 1 4  ? 4.883   -4.011  7.259   1.00 6.35  ? 14  DC  B "O4'" 1 
ATOM   267 C  "C3'" . DC  B 1 4  ? 6.963   -3.024  6.649   1.00 6.35  ? 14  DC  B "C3'" 1 
ATOM   268 O  "O3'" . DC  B 1 4  ? 7.899   -3.815  5.918   1.00 6.71  ? 14  DC  B "O3'" 1 
ATOM   269 C  "C2'" . DC  B 1 4  ? 5.841   -2.540  5.741   1.00 6.28  ? 14  DC  B "C2'" 1 
ATOM   270 C  "C1'" . DC  B 1 4  ? 4.737   -3.571  5.924   1.00 5.80  ? 14  DC  B "C1'" 1 
ATOM   271 N  N1    . DC  B 1 4  ? 3.367   -3.043  5.823   1.00 5.32  ? 14  DC  B N1    1 
ATOM   272 C  C2    . DC  B 1 4  ? 2.439   -3.667  4.977   1.00 4.98  ? 14  DC  B C2    1 
ATOM   273 O  O2    . DC  B 1 4  ? 2.808   -4.619  4.274   1.00 4.58  ? 14  DC  B O2    1 
ATOM   274 N  N3    . DC  B 1 4  ? 1.164   -3.213  4.948   1.00 4.39  ? 14  DC  B N3    1 
ATOM   275 C  C4    . DC  B 1 4  ? 0.813   -2.172  5.707   1.00 4.52  ? 14  DC  B C4    1 
ATOM   276 N  N4    . DC  B 1 4  ? -0.451  -1.756  5.668   1.00 4.78  ? 14  DC  B N4    1 
ATOM   277 C  C5    . DC  B 1 4  ? 1.745   -1.504  6.546   1.00 4.67  ? 14  DC  B C5    1 
ATOM   278 C  C6    . DC  B 1 4  ? 2.998   -1.964  6.571   1.00 4.80  ? 14  DC  B C6    1 
ATOM   279 P  P     . DC  B 1 5  ? 8.947   -3.121  4.914   1.00 7.19  ? 15  DC  B P     1 
ATOM   280 O  OP1   . DC  B 1 5  ? 9.972   -4.166  4.704   1.00 7.39  ? 15  DC  B OP1   1 
ATOM   281 O  OP2   . DC  B 1 5  ? 9.365   -1.792  5.415   1.00 7.17  ? 15  DC  B OP2   1 
ATOM   282 O  "O5'" . DC  B 1 5  ? 8.118   -2.908  3.567   1.00 8.00  ? 15  DC  B "O5'" 1 
ATOM   283 C  "C5'" . DC  B 1 5  ? 7.484   -4.003  2.911   1.00 8.61  ? 15  DC  B "C5'" 1 
ATOM   284 C  "C4'" . DC  B 1 5  ? 6.658   -3.498  1.751   1.00 8.83  ? 15  DC  B "C4'" 1 
ATOM   285 O  "O4'" . DC  B 1 5  ? 5.402   -2.941  2.204   1.00 8.73  ? 15  DC  B "O4'" 1 
ATOM   286 C  "C3'" . DC  B 1 5  ? 7.340   -2.389  0.952   1.00 9.35  ? 15  DC  B "C3'" 1 
ATOM   287 O  "O3'" . DC  B 1 5  ? 7.163   -2.667  -0.433  1.00 10.18 ? 15  DC  B "O3'" 1 
ATOM   288 C  "C2'" . DC  B 1 5  ? 6.536   -1.150  1.302   1.00 9.10  ? 15  DC  B "C2'" 1 
ATOM   289 C  "C1'" . DC  B 1 5  ? 5.159   -1.762  1.455   1.00 8.35  ? 15  DC  B "C1'" 1 
ATOM   290 N  N1    . DC  B 1 5  ? 4.202   -0.923  2.194   1.00 7.48  ? 15  DC  B N1    1 
ATOM   291 C  C2    . DC  B 1 5  ? 2.837   -1.103  1.968   1.00 6.74  ? 15  DC  B C2    1 
ATOM   292 O  O2    . DC  B 1 5  ? 2.476   -1.947  1.138   1.00 5.94  ? 15  DC  B O2    1 
ATOM   293 N  N3    . DC  B 1 5  ? 1.949   -0.347  2.653   1.00 6.23  ? 15  DC  B N3    1 
ATOM   294 C  C4    . DC  B 1 5  ? 2.383   0.568   3.519   1.00 6.50  ? 15  DC  B C4    1 
ATOM   295 N  N4    . DC  B 1 5  ? 1.476   1.298   4.172   1.00 5.44  ? 15  DC  B N4    1 
ATOM   296 C  C5    . DC  B 1 5  ? 3.769   0.779   3.758   1.00 6.74  ? 15  DC  B C5    1 
ATOM   297 C  C6    . DC  B 1 5  ? 4.635   0.017   3.084   1.00 7.24  ? 15  DC  B C6    1 
ATOM   298 P  P     . DG  B 1 6  ? 8.405   -2.550  -1.438  1.00 10.63 ? 16  DG  B P     1 
ATOM   299 O  OP1   . DG  B 1 6  ? 9.240   -3.767  -1.260  1.00 10.68 ? 16  DG  B OP1   1 
ATOM   300 O  OP2   . DG  B 1 6  ? 9.013   -1.204  -1.304  1.00 10.62 ? 16  DG  B OP2   1 
ATOM   301 O  "O5'" . DG  B 1 6  ? 7.691   -2.655  -2.853  1.00 9.47  ? 16  DG  B "O5'" 1 
ATOM   302 C  "C5'" . DG  B 1 6  ? 6.707   -3.658  -3.080  1.00 8.14  ? 16  DG  B "C5'" 1 
ATOM   303 C  "C4'" . DG  B 1 6  ? 5.528   -3.064  -3.811  1.00 6.69  ? 16  DG  B "C4'" 1 
ATOM   304 O  "O4'" . DG  B 1 6  ? 4.683   -2.336  -2.886  1.00 5.84  ? 16  DG  B "O4'" 1 
ATOM   305 C  "C3'" . DG  B 1 6  ? 5.949   -2.038  -4.859  1.00 6.42  ? 16  DG  B "C3'" 1 
ATOM   306 O  "O3'" . DG  B 1 6  ? 4.947   -2.025  -5.869  1.00 7.00  ? 16  DG  B "O3'" 1 
ATOM   307 C  "C2'" . DG  B 1 6  ? 5.857   -0.731  -4.095  1.00 5.62  ? 16  DG  B "C2'" 1 
ATOM   308 C  "C1'" . DG  B 1 6  ? 4.570   -0.998  -3.345  1.00 5.23  ? 16  DG  B "C1'" 1 
ATOM   309 N  N9    . DG  B 1 6  ? 4.335   -0.138  -2.192  1.00 4.09  ? 16  DG  B N9    1 
ATOM   310 C  C8    . DG  B 1 6  ? 5.267   0.423   -1.352  1.00 3.90  ? 16  DG  B C8    1 
ATOM   311 N  N7    . DG  B 1 6  ? 4.731   1.154   -0.413  1.00 3.50  ? 16  DG  B N7    1 
ATOM   312 C  C5    . DG  B 1 6  ? 3.365   1.069   -0.650  1.00 3.28  ? 16  DG  B C5    1 
ATOM   313 C  C6    . DG  B 1 6  ? 2.278   1.676   0.025   1.00 2.84  ? 16  DG  B C6    1 
ATOM   314 O  O6    . DG  B 1 6  ? 2.310   2.424   1.007   1.00 2.91  ? 16  DG  B O6    1 
ATOM   315 N  N1    . DG  B 1 6  ? 1.055   1.333   -0.555  1.00 2.40  ? 16  DG  B N1    1 
ATOM   316 C  C2    . DG  B 1 6  ? 0.906   0.514   -1.654  1.00 2.06  ? 16  DG  B C2    1 
ATOM   317 N  N2    . DG  B 1 6  ? -0.343  0.300   -2.088  1.00 1.79  ? 16  DG  B N2    1 
ATOM   318 N  N3    . DG  B 1 6  ? 1.915   -0.054  -2.290  1.00 2.61  ? 16  DG  B N3    1 
ATOM   319 C  C4    . DG  B 1 6  ? 3.106   0.268   -1.741  1.00 3.45  ? 16  DG  B C4    1 
ATOM   320 P  P     . DG  B 1 7  ? 5.369   -2.070  -7.412  1.00 7.39  ? 17  DG  B P     1 
ATOM   321 O  OP1   . DG  B 1 7  ? 5.832   -3.439  -7.705  1.00 7.42  ? 17  DG  B OP1   1 
ATOM   322 O  OP2   . DG  B 1 7  ? 6.252   -0.904  -7.671  1.00 7.72  ? 17  DG  B OP2   1 
ATOM   323 O  "O5'" . DG  B 1 7  ? 3.975   -1.883  -8.150  1.00 7.20  ? 17  DG  B "O5'" 1 
ATOM   324 C  "C5'" . DG  B 1 7  ? 2.860   -2.686  -7.768  1.00 7.01  ? 17  DG  B "C5'" 1 
ATOM   325 C  "C4'" . DG  B 1 7  ? 1.574   -1.912  -7.935  1.00 7.23  ? 17  DG  B "C4'" 1 
ATOM   326 O  "O4'" . DG  B 1 7  ? 1.367   -1.012  -6.822  1.00 6.89  ? 17  DG  B "O4'" 1 
ATOM   327 C  "C3'" . DG  B 1 7  ? 1.502   -1.044  -9.188  1.00 7.49  ? 17  DG  B "C3'" 1 
ATOM   328 O  "O3'" . DG  B 1 7  ? 0.156   -1.104  -9.668  1.00 8.63  ? 17  DG  B "O3'" 1 
ATOM   329 C  "C2'" . DG  B 1 7  ? 1.857   0.339   -8.666  1.00 7.17  ? 17  DG  B "C2'" 1 
ATOM   330 C  "C1'" . DG  B 1 7  ? 1.217   0.320   -7.288  1.00 6.42  ? 17  DG  B "C1'" 1 
ATOM   331 N  N9    . DG  B 1 7  ? 1.837   1.182   -6.290  1.00 5.80  ? 17  DG  B N9    1 
ATOM   332 C  C8    . DG  B 1 7  ? 3.182   1.332   -6.043  1.00 5.02  ? 17  DG  B C8    1 
ATOM   333 N  N7    . DG  B 1 7  ? 3.428   2.117   -5.029  1.00 5.21  ? 17  DG  B N7    1 
ATOM   334 C  C5    . DG  B 1 7  ? 2.175   2.520   -4.587  1.00 4.42  ? 17  DG  B C5    1 
ATOM   335 C  C6    . DG  B 1 7  ? 1.805   3.387   -3.524  1.00 4.33  ? 17  DG  B C6    1 
ATOM   336 O  O6    . DG  B 1 7  ? 2.527   3.927   -2.684  1.00 3.62  ? 17  DG  B O6    1 
ATOM   337 N  N1    . DG  B 1 7  ? 0.431   3.595   -3.486  1.00 3.94  ? 17  DG  B N1    1 
ATOM   338 C  C2    . DG  B 1 7  ? -0.473  3.034   -4.347  1.00 4.42  ? 17  DG  B C2    1 
ATOM   339 N  N2    . DG  B 1 7  ? -1.756  3.396   -4.174  1.00 3.99  ? 17  DG  B N2    1 
ATOM   340 N  N3    . DG  B 1 7  ? -0.148  2.191   -5.309  1.00 4.76  ? 17  DG  B N3    1 
ATOM   341 C  C4    . DG  B 1 7  ? 1.183   1.980   -5.374  1.00 5.18  ? 17  DG  B C4    1 
ATOM   342 P  P     . DC  B 1 8  ? -0.224  -0.433  -11.075 1.00 9.56  ? 18  DC  B P     1 
ATOM   343 O  OP1   . DC  B 1 8  ? -1.264  -1.291  -11.686 1.00 9.52  ? 18  DC  B OP1   1 
ATOM   344 O  OP2   . DC  B 1 8  ? 1.045   -0.181  -11.797 1.00 9.07  ? 18  DC  B OP2   1 
ATOM   345 O  "O5'" . DC  B 1 8  ? -0.921  0.933   -10.656 1.00 9.68  ? 18  DC  B "O5'" 1 
ATOM   346 C  "C5'" . DC  B 1 8  ? -2.026  0.913   -9.758  1.00 9.57  ? 18  DC  B "C5'" 1 
ATOM   347 C  "C4'" . DC  B 1 8  ? -2.406  2.321   -9.366  1.00 9.44  ? 18  DC  B "C4'" 1 
ATOM   348 O  "O4'" . DC  B 1 8  ? -1.450  2.846   -8.419  1.00 9.07  ? 18  DC  B "O4'" 1 
ATOM   349 C  "C3'" . DC  B 1 8  ? -2.449  3.301   -10.539 1.00 9.54  ? 18  DC  B "C3'" 1 
ATOM   350 O  "O3'" . DC  B 1 8  ? -3.712  3.972   -10.527 1.00 10.21 ? 18  DC  B "O3'" 1 
ATOM   351 C  "C2'" . DC  B 1 8  ? -1.288  4.248   -10.278 1.00 9.09  ? 18  DC  B "C2'" 1 
ATOM   352 C  "C1'" . DC  B 1 8  ? -1.155  4.188   -8.764  1.00 8.85  ? 18  DC  B "C1'" 1 
ATOM   353 N  N1    . DC  B 1 8  ? 0.175   4.490   -8.224  1.00 8.35  ? 18  DC  B N1    1 
ATOM   354 C  C2    . DC  B 1 8  ? 0.262   5.173   -7.007  1.00 7.82  ? 18  DC  B C2    1 
ATOM   355 O  O2    . DC  B 1 8  ? -0.780  5.531   -6.441  1.00 7.70  ? 18  DC  B O2    1 
ATOM   356 N  N3    . DC  B 1 8  ? 1.476   5.428   -6.479  1.00 7.89  ? 18  DC  B N3    1 
ATOM   357 C  C4    . DC  B 1 8  ? 2.578   5.031   -7.118  1.00 7.53  ? 18  DC  B C4    1 
ATOM   358 N  N4    . DC  B 1 8  ? 3.748   5.286   -6.539  1.00 7.50  ? 18  DC  B N4    1 
ATOM   359 C  C5    . DC  B 1 8  ? 2.521   4.350   -8.372  1.00 8.06  ? 18  DC  B C5    1 
ATOM   360 C  C6    . DC  B 1 8  ? 1.311   4.104   -8.883  1.00 7.90  ? 18  DC  B C6    1 
ATOM   361 P  P     . DG  B 1 9  ? -4.299  4.587   -11.890 1.00 10.52 ? 19  DG  B P     1 
ATOM   362 O  OP1   . DG  B 1 9  ? -5.632  3.980   -12.095 1.00 10.98 ? 19  DG  B OP1   1 
ATOM   363 O  OP2   . DG  B 1 9  ? -3.254  4.449   -12.931 1.00 10.72 ? 19  DG  B OP2   1 
ATOM   364 O  "O5'" . DG  B 1 9  ? -4.459  6.141   -11.568 1.00 9.84  ? 19  DG  B "O5'" 1 
ATOM   365 C  "C5'" . DG  B 1 9  ? -4.657  6.602   -10.230 1.00 8.95  ? 19  DG  B "C5'" 1 
ATOM   366 C  "C4'" . DG  B 1 9  ? -4.010  7.956   -10.039 1.00 7.91  ? 19  DG  B "C4'" 1 
ATOM   367 O  "O4'" . DG  B 1 9  ? -2.659  7.800   -9.551  1.00 7.12  ? 19  DG  B "O4'" 1 
ATOM   368 C  "C3'" . DG  B 1 9  ? -3.895  8.818   -11.299 1.00 7.96  ? 19  DG  B "C3'" 1 
ATOM   369 O  "O3'" . DG  B 1 9  ? -4.103  10.179  -10.936 1.00 8.72  ? 19  DG  B "O3'" 1 
ATOM   370 C  "C2'" . DG  B 1 9  ? -2.427  8.709   -11.666 1.00 7.49  ? 19  DG  B "C2'" 1 
ATOM   371 C  "C1'" . DG  B 1 9  ? -1.847  8.709   -10.273 1.00 6.64  ? 19  DG  B "C1'" 1 
ATOM   372 N  N9    . DG  B 1 9  ? -0.473  8.245   -10.168 1.00 5.95  ? 19  DG  B N9    1 
ATOM   373 C  C8    . DG  B 1 9  ? 0.218   7.441   -11.040 1.00 5.57  ? 19  DG  B C8    1 
ATOM   374 N  N7    . DG  B 1 9  ? 1.430   7.191   -10.642 1.00 4.85  ? 19  DG  B N7    1 
ATOM   375 C  C5    . DG  B 1 9  ? 1.544   7.872   -9.440  1.00 5.10  ? 19  DG  B C5    1 
ATOM   376 C  C6    . DG  B 1 9  ? 2.620   7.948   -8.532  1.00 5.27  ? 19  DG  B C6    1 
ATOM   377 O  O6    . DG  B 1 9  ? 3.730   7.407   -8.620  1.00 5.37  ? 19  DG  B O6    1 
ATOM   378 N  N1    . DG  B 1 9  ? 2.305   8.744   -7.429  1.00 5.00  ? 19  DG  B N1    1 
ATOM   379 C  C2    . DG  B 1 9  ? 1.101   9.379   -7.230  1.00 4.31  ? 19  DG  B C2    1 
ATOM   380 N  N2    . DG  B 1 9  ? 0.973   10.116  -6.115  1.00 4.57  ? 19  DG  B N2    1 
ATOM   381 N  N3    . DG  B 1 9  ? 0.087   9.300   -8.071  1.00 5.05  ? 19  DG  B N3    1 
ATOM   382 C  C4    . DG  B 1 9  ? 0.379   8.536   -9.143  1.00 5.23  ? 19  DG  B C4    1 
ATOM   383 P  P     . DG  B 1 10 ? -5.123  11.081  -11.782 1.00 9.08  ? 20  DG  B P     1 
ATOM   384 O  OP1   . DG  B 1 10 ? -6.471  10.473  -11.687 1.00 8.67  ? 20  DG  B OP1   1 
ATOM   385 O  OP2   . DG  B 1 10 ? -4.503  11.279  -13.116 1.00 8.84  ? 20  DG  B OP2   1 
ATOM   386 O  "O5'" . DG  B 1 10 ? -5.097  12.464  -10.993 1.00 8.31  ? 20  DG  B "O5'" 1 
ATOM   387 C  "C5'" . DG  B 1 10 ? -5.296  12.508  -9.582  1.00 7.59  ? 20  DG  B "C5'" 1 
ATOM   388 C  "C4'" . DG  B 1 10 ? -4.262  13.399  -8.932  1.00 7.11  ? 20  DG  B "C4'" 1 
ATOM   389 O  "O4'" . DG  B 1 10 ? -2.976  12.740  -8.983  1.00 6.82  ? 20  DG  B "O4'" 1 
ATOM   390 C  "C3'" . DG  B 1 10 ? -4.064  14.756  -9.607  1.00 6.94  ? 20  DG  B "C3'" 1 
ATOM   391 O  "O3'" . DG  B 1 10 ? -3.886  15.761  -8.607  1.00 7.06  ? 20  DG  B "O3'" 1 
ATOM   392 C  "C2'" . DG  B 1 10 ? -2.780  14.585  -10.401 1.00 6.83  ? 20  DG  B "C2'" 1 
ATOM   393 C  "C1'" . DG  B 1 10 ? -1.999  13.622  -9.520  1.00 6.34  ? 20  DG  B "C1'" 1 
ATOM   394 N  N9    . DG  B 1 10 ? -1.003  12.804  -10.207 1.00 5.47  ? 20  DG  B N9    1 
ATOM   395 C  C8    . DG  B 1 10 ? -1.150  12.123  -11.394 1.00 5.66  ? 20  DG  B C8    1 
ATOM   396 N  N7    . DG  B 1 10 ? -0.085  11.444  -11.726 1.00 5.28  ? 20  DG  B N7    1 
ATOM   397 C  C5    . DG  B 1 10 ? 0.817   11.699  -10.706 1.00 4.68  ? 20  DG  B C5    1 
ATOM   398 C  C6    . DG  B 1 10 ? 2.146   11.230  -10.508 1.00 4.48  ? 20  DG  B C6    1 
ATOM   399 O  O6    . DG  B 1 10 ? 2.817   10.464  -11.217 1.00 4.57  ? 20  DG  B O6    1 
ATOM   400 N  N1    . DG  B 1 10 ? 2.696   11.748  -9.344  1.00 3.72  ? 20  DG  B N1    1 
ATOM   401 C  C2    . DG  B 1 10 ? 2.059   12.602  -8.479  1.00 4.00  ? 20  DG  B C2    1 
ATOM   402 N  N2    . DG  B 1 10 ? 2.761   13.007  -7.422  1.00 3.59  ? 20  DG  B N2    1 
ATOM   403 N  N3    . DG  B 1 10 ? 0.824   13.034  -8.644  1.00 3.96  ? 20  DG  B N3    1 
ATOM   404 C  C4    . DG  B 1 10 ? 0.270   12.549  -9.771  1.00 4.97  ? 20  DG  B C4    1 
HETATM 405 CA CA    . CA  C 2 .  ? -3.766  10.278  -5.424  1.00 7.54  ? 21  CA  B CA    1 
HETATM 406 CA CA    . CA  D 2 .  ? 6.850   5.076   -1.189  1.00 19.16 ? 22  CA  B CA    1 
HETATM 407 O  O     . HOH E 3 .  ? 3.582   -7.419  10.057  1.00 1.44  ? 23  HOH A O     1 
HETATM 408 O  O     . HOH E 3 .  ? -7.166  -3.101  5.391   1.00 3.45  ? 24  HOH A O     1 
HETATM 409 O  O     . HOH E 3 .  ? 6.037   5.861   -3.435  1.00 9.23  ? 27  HOH A O     1 
HETATM 410 O  O     . HOH E 3 .  ? -4.505  -2.370  4.729   1.00 8.57  ? 29  HOH A O     1 
HETATM 411 O  O     . HOH E 3 .  ? -11.740 -5.120  -1.045  1.00 12.47 ? 30  HOH A O     1 
HETATM 412 O  O     . HOH E 3 .  ? -5.454  -13.477 -3.882  1.00 12.87 ? 32  HOH A O     1 
HETATM 413 O  O     . HOH E 3 .  ? 0.312   -2.870  2.506   1.00 9.44  ? 33  HOH A O     1 
HETATM 414 O  O     . HOH E 3 .  ? -3.906  8.590   -3.965  1.00 9.41  ? 35  HOH A O     1 
HETATM 415 O  O     . HOH E 3 .  ? -9.995  -3.608  -3.317  1.00 14.72 ? 37  HOH A O     1 
HETATM 416 O  O     . HOH E 3 .  ? 0.268   -7.039  -1.529  1.00 8.02  ? 40  HOH A O     1 
HETATM 417 O  O     . HOH E 3 .  ? 2.102   -9.187  10.837  1.00 16.18 ? 43  HOH A O     1 
HETATM 418 O  O     . HOH E 3 .  ? 5.658   9.705   -13.817 1.00 3.74  ? 44  HOH A O     1 
HETATM 419 O  O     . HOH E 3 .  ? 8.709   6.318   -2.224  1.00 5.75  ? 45  HOH A O     1 
HETATM 420 O  O     . HOH E 3 .  ? 6.783   -10.604 10.654  1.00 12.24 ? 48  HOH A O     1 
HETATM 421 O  O     . HOH E 3 .  ? -2.033  0.262   0.113   1.00 12.03 ? 50  HOH A O     1 
HETATM 422 O  O     . HOH E 3 .  ? -1.125  -14.857 -2.994  1.00 17.86 ? 51  HOH A O     1 
HETATM 423 O  O     . HOH E 3 .  ? 0.216   3.360   -0.665  1.00 7.24  ? 52  HOH A O     1 
HETATM 424 O  O     . HOH E 3 .  ? 2.719   -8.109  0.448   1.00 18.80 ? 56  HOH A O     1 
HETATM 425 O  O     . HOH E 3 .  ? 1.540   -7.730  2.787   1.00 16.86 ? 60  HOH A O     1 
HETATM 426 O  O     . HOH E 3 .  ? 9.436   -12.430 12.340  0.33 16.41 ? 64  HOH A O     1 
HETATM 427 O  O     . HOH E 3 .  ? -6.920  3.061   -3.436  1.00 12.77 ? 66  HOH A O     1 
HETATM 428 O  O     . HOH E 3 .  ? 6.589   -13.022 14.924  1.00 21.37 ? 68  HOH A O     1 
HETATM 429 O  O     . HOH E 3 .  ? -6.400  -4.728  3.639   1.00 12.74 ? 69  HOH A O     1 
HETATM 430 O  O     . HOH E 3 .  ? -8.810  5.366   2.954   1.00 9.47  ? 70  HOH A O     1 
HETATM 431 O  O     . HOH E 3 .  ? -7.373  -7.814  0.483   1.00 19.20 ? 71  HOH A O     1 
HETATM 432 O  O     . HOH E 3 .  ? 0.143   9.499   4.213   1.00 12.65 ? 72  HOH A O     1 
HETATM 433 O  O     . HOH E 3 .  ? 8.097   7.131   0.460   1.00 12.01 ? 74  HOH A O     1 
HETATM 434 O  O     . HOH E 3 .  ? -6.652  -0.582  5.970   1.00 9.74  ? 76  HOH A O     1 
HETATM 435 O  O     . HOH E 3 .  ? -11.467 -3.513  -5.784  1.00 12.76 ? 77  HOH A O     1 
HETATM 436 O  O     . HOH E 3 .  ? -14.183 5.980   4.398   0.33 14.14 ? 79  HOH A O     1 
HETATM 437 O  O     . HOH E 3 .  ? 5.897   7.145   -0.442  1.00 11.43 ? 80  HOH A O     1 
HETATM 438 O  O     . HOH E 3 .  ? -8.812  5.382   -2.895  1.00 12.52 ? 84  HOH A O     1 
HETATM 439 O  O     . HOH E 3 .  ? -2.026  -14.602 9.990   1.00 20.36 ? 85  HOH A O     1 
HETATM 440 O  O     . HOH E 3 .  ? -5.957  5.911   3.046   1.00 16.97 ? 86  HOH A O     1 
HETATM 441 O  O     . HOH E 3 .  ? 9.852   -13.160 8.783   0.33 15.29 ? 88  HOH A O     1 
HETATM 442 O  O     . HOH E 3 .  ? 8.835   -11.380 17.442  0.33 13.50 ? 89  HOH A O     1 
HETATM 443 O  O     . HOH E 3 .  ? -10.528 7.956   -1.214  1.00 16.33 ? 90  HOH A O     1 
HETATM 444 O  O     . HOH E 3 .  ? 2.309   -9.764  3.558   1.00 13.02 ? 92  HOH A O     1 
HETATM 445 O  O     . HOH E 3 .  ? 0.322   -16.604 -3.819  1.00 13.38 ? 93  HOH A O     1 
HETATM 446 O  O     . HOH E 3 .  ? -8.325  2.639   -4.876  1.00 13.46 ? 94  HOH A O     1 
HETATM 447 O  O     . HOH E 3 .  ? 8.452   15.721  -5.749  1.00 15.05 ? 95  HOH A O     1 
HETATM 448 O  O     . HOH E 3 .  ? -3.062  -4.508  -5.143  1.00 13.59 ? 101 HOH A O     1 
HETATM 449 O  O     . HOH E 3 .  ? -8.751  -5.221  5.818   1.00 15.19 ? 103 HOH A O     1 
HETATM 450 O  O     . HOH E 3 .  ? 4.198   8.903   -15.291 1.00 16.64 ? 104 HOH A O     1 
HETATM 451 O  O     . HOH E 3 .  ? -5.594  2.371   4.424   1.00 15.54 ? 105 HOH A O     1 
HETATM 452 O  O     . HOH F 3 .  ? -0.712  -3.543  -3.895  1.00 1.00  ? 25  HOH B O     1 
HETATM 453 O  O     . HOH F 3 .  ? 3.403   10.493  -13.684 1.00 1.98  ? 26  HOH B O     1 
HETATM 454 O  O     . HOH F 3 .  ? 8.275   0.545   6.926   1.00 3.47  ? 28  HOH B O     1 
HETATM 455 O  O     . HOH F 3 .  ? -1.976  10.702  -7.407  1.00 12.14 ? 31  HOH B O     1 
HETATM 456 O  O     . HOH F 3 .  ? -1.776  -2.206  -6.548  1.00 12.35 ? 34  HOH B O     1 
HETATM 457 O  O     . HOH F 3 .  ? 6.531   -7.342  6.813   1.00 6.52  ? 36  HOH B O     1 
HETATM 458 O  O     . HOH F 3 .  ? -3.266  8.633   -6.655  1.00 11.91 ? 38  HOH B O     1 
HETATM 459 O  O     . HOH F 3 .  ? -5.308  10.666  -6.557  1.00 10.78 ? 39  HOH B O     1 
HETATM 460 O  O     . HOH F 3 .  ? -2.670  -0.622  -1.812  1.00 13.27 ? 41  HOH B O     1 
HETATM 461 O  O     . HOH F 3 .  ? -7.021  5.616   -12.080 1.00 18.58 ? 42  HOH B O     1 
HETATM 462 O  O     . HOH F 3 .  ? 8.553   -3.353  -7.182  1.00 5.08  ? 46  HOH B O     1 
HETATM 463 O  O     . HOH F 3 .  ? -10.142 9.453   -11.457 1.00 4.84  ? 47  HOH B O     1 
HETATM 464 O  O     . HOH F 3 .  ? -9.722  1.892   -12.812 1.00 8.24  ? 49  HOH B O     1 
HETATM 465 O  O     . HOH F 3 .  ? 2.544   8.377   -13.022 1.00 17.32 ? 53  HOH B O     1 
HETATM 466 O  O     . HOH F 3 .  ? 0.254   -3.826  -6.346  1.00 13.98 ? 54  HOH B O     1 
HETATM 467 O  O     . HOH F 3 .  ? 3.404   -7.737  5.543   1.00 11.94 ? 55  HOH B O     1 
HETATM 468 O  O     . HOH F 3 .  ? -2.135  -0.025  -6.261  1.00 4.51  ? 57  HOH B O     1 
HETATM 469 O  O     . HOH F 3 .  ? -3.704  5.394   -6.055  1.00 12.42 ? 58  HOH B O     1 
HETATM 470 O  O     . HOH F 3 .  ? -7.937  -3.439  13.420  1.00 13.01 ? 59  HOH B O     1 
HETATM 471 O  O     . HOH F 3 .  ? 3.624   4.514   1.993   1.00 10.44 ? 61  HOH B O     1 
HETATM 472 O  O     . HOH F 3 .  ? -12.555 3.159   -9.264  0.33 5.10  ? 62  HOH B O     1 
HETATM 473 O  O     . HOH F 3 .  ? -13.016 3.958   -5.388  0.33 9.61  ? 63  HOH B O     1 
HETATM 474 O  O     . HOH F 3 .  ? 7.910   -4.954  -0.398  1.00 20.58 ? 65  HOH B O     1 
HETATM 475 O  O     . HOH F 3 .  ? -1.165  -1.896  3.910   1.00 24.32 ? 67  HOH B O     1 
HETATM 476 O  O     . HOH F 3 .  ? -6.474  -13.247 14.227  1.00 15.26 ? 73  HOH B O     1 
HETATM 477 O  O     . HOH F 3 .  ? 6.014   -6.076  -3.026  1.00 19.13 ? 75  HOH B O     1 
HETATM 478 O  O     . HOH F 3 .  ? -7.290  14.609  -12.151 1.00 18.98 ? 78  HOH B O     1 
HETATM 479 O  O     . HOH F 3 .  ? 2.509   -0.370  12.182  1.00 20.04 ? 81  HOH B O     1 
HETATM 480 O  O     . HOH F 3 .  ? 2.302   11.788  -6.079  1.00 18.18 ? 82  HOH B O     1 
HETATM 481 O  O     . HOH F 3 .  ? -0.826  -2.879  11.797  1.00 25.31 ? 83  HOH B O     1 
HETATM 482 O  O     . HOH F 3 .  ? -2.800  13.398  -13.631 1.00 16.82 ? 87  HOH B O     1 
HETATM 483 O  O     . HOH F 3 .  ? 2.221   1.156   -13.392 1.00 15.79 ? 91  HOH B O     1 
HETATM 484 O  O     . HOH F 3 .  ? -6.139  8.772   -5.362  1.00 20.67 ? 96  HOH B O     1 
HETATM 485 O  O     . HOH F 3 .  ? 0.340   -3.026  -10.787 1.00 22.19 ? 97  HOH B O     1 
HETATM 486 O  O     . HOH F 3 .  ? -1.854  13.622  -15.631 1.00 17.50 ? 98  HOH B O     1 
HETATM 487 O  O     . HOH F 3 .  ? 4.340   3.230   -1.286  1.00 17.72 ? 99  HOH B O     1 
HETATM 488 O  O     . HOH F 3 .  ? -4.379  14.731  -15.246 1.00 12.16 ? 100 HOH B O     1 
HETATM 489 O  O     . HOH F 3 .  ? 7.666   0.438   -6.237  1.00 15.20 ? 102 HOH B O     1 
HETATM 490 O  O     . HOH F 3 .  ? -7.602  4.025   -10.281 1.00 15.76 ? 106 HOH B O     1 
# 
